data_5I60
#
_entry.id   5I60
#
_cell.length_a   69.296
_cell.length_b   106.629
_cell.length_c   106.026
_cell.angle_alpha   90.000
_cell.angle_beta   90.000
_cell.angle_gamma   90.000
#
_symmetry.space_group_name_H-M   'P 21 21 21'
#
loop_
_entity.id
_entity.type
_entity.pdbx_description
1 polymer 'Branched-chain-amino-acid aminotransferase, mitochondrial'
2 non-polymer "PYRIDOXAL-5'-PHOSPHATE"
3 non-polymer '(2-{[4-(1H-pyrazol-3-yl)phenyl]carbamoyl}phenyl)acetic acid'
4 non-polymer 'CHLORIDE ION'
5 non-polymer 1,2-ETHANEDIOL
6 water water
#
_entity_poly.entity_id   1
_entity_poly.type   'polypeptide(L)'
_entity_poly.pdbx_seq_one_letter_code
;GSHMASSSFKAADLQLEMTQKPHKKPGPGEPLVFGKTFTDHMLMVEWNDKGWGQPRIQPFQNLTLHPASSSLHYSLQLFE
GMKAFKGKDQQVRLFRPWLNMDRMLRSAMRLCLPSFDKLELLECIRRLIEVDKDWVPDAAGTSLYVRPVLIGNEPSLGVS
QPTRALLFVILCPVGAYFPGGSVTPVSLLADPAFIRAWVGGVGNYKLGGNYGPTVLVQQEALKRGCEQVLWLYGPDHQLT
EVGTMNIFVYWTHEDGVLELVTPPLNGVILPGVVRQSLLDMAQTWGEFRVVERTITMKQLLRALEEGRVREVFGSGTACQ
VCPVHRILYKDRNLHIPTMENGPELILRFQKELKEIQYGIRAHEWMFPV
;
_entity_poly.pdbx_strand_id   A,B
#
loop_
_chem_comp.id
_chem_comp.type
_chem_comp.name
_chem_comp.formula
67W non-polymer '(2-{[4-(1H-pyrazol-3-yl)phenyl]carbamoyl}phenyl)acetic acid' 'C18 H15 N3 O3'
CL non-polymer 'CHLORIDE ION' 'Cl -1'
EDO non-polymer 1,2-ETHANEDIOL 'C2 H6 O2'
PLP non-polymer PYRIDOXAL-5'-PHOSPHATE 'C8 H10 N O6 P'
#
# COMPACT_ATOMS: atom_id res chain seq x y z
N SER A 7 13.17 22.67 9.85
CA SER A 7 12.92 22.37 8.42
C SER A 7 13.57 21.03 8.02
N SER A 8 14.85 20.86 8.36
CA SER A 8 15.55 19.60 8.15
C SER A 8 16.54 19.28 9.24
N PHE A 9 16.75 18.01 9.49
CA PHE A 9 17.83 17.59 10.37
C PHE A 9 19.13 17.94 9.65
N LYS A 10 20.22 18.01 10.42
CA LYS A 10 21.54 18.34 9.88
C LYS A 10 22.55 17.28 10.26
N ALA A 11 23.37 16.88 9.29
CA ALA A 11 24.48 15.96 9.55
C ALA A 11 25.39 16.54 10.62
N ALA A 12 25.51 17.86 10.65
CA ALA A 12 26.33 18.54 11.69
C ALA A 12 25.98 18.07 13.11
N ASP A 13 24.69 17.82 13.36
CA ASP A 13 24.20 17.40 14.67
C ASP A 13 24.12 15.91 14.87
N LEU A 14 24.77 15.15 14.00
CA LEU A 14 24.75 13.69 14.12
C LEU A 14 25.28 13.22 15.47
N GLN A 15 24.59 12.29 16.09
CA GLN A 15 25.11 11.71 17.29
C GLN A 15 25.40 10.25 16.98
N LEU A 16 26.50 9.73 17.51
CA LEU A 16 26.91 8.35 17.28
C LEU A 16 26.95 7.55 18.55
N GLU A 17 26.20 6.48 18.58
CA GLU A 17 26.25 5.51 19.64
C GLU A 17 26.79 4.23 19.02
N MET A 18 28.08 4.01 19.21
CA MET A 18 28.71 2.81 18.70
C MET A 18 28.15 1.62 19.43
N THR A 19 28.12 0.48 18.78
CA THR A 19 27.51 -0.70 19.34
C THR A 19 28.48 -1.38 20.29
N GLN A 20 27.91 -2.15 21.24
CA GLN A 20 28.69 -2.94 22.18
C GLN A 20 28.37 -4.42 22.06
N LYS A 21 27.58 -4.78 21.04
CA LYS A 21 27.26 -6.17 20.73
C LYS A 21 27.41 -6.37 19.23
N PRO A 22 28.62 -6.11 18.70
CA PRO A 22 28.83 -6.23 17.26
C PRO A 22 28.55 -7.66 16.78
N HIS A 23 27.81 -7.80 15.69
CA HIS A 23 27.49 -9.14 15.21
C HIS A 23 28.62 -9.72 14.37
N LYS A 24 28.74 -11.04 14.44
CA LYS A 24 29.73 -11.80 13.68
C LYS A 24 29.40 -11.78 12.18
N LYS A 25 30.36 -11.33 11.38
CA LYS A 25 30.19 -11.23 9.92
C LYS A 25 30.26 -12.64 9.31
N PRO A 26 29.68 -12.84 8.10
CA PRO A 26 29.61 -14.22 7.53
C PRO A 26 30.97 -14.85 7.22
N PRO A 31 28.24 -17.05 1.61
CA PRO A 31 26.90 -17.42 1.17
C PRO A 31 25.85 -16.34 1.52
N LEU A 32 26.01 -15.16 0.93
CA LEU A 32 25.12 -14.02 1.20
C LEU A 32 23.79 -14.09 0.46
N VAL A 33 22.70 -14.22 1.22
CA VAL A 33 21.34 -14.19 0.67
C VAL A 33 20.86 -12.76 0.81
N PHE A 34 20.38 -12.15 -0.29
CA PHE A 34 19.92 -10.76 -0.25
C PHE A 34 18.92 -10.47 0.87
N GLY A 35 19.14 -9.35 1.55
CA GLY A 35 18.19 -8.83 2.52
C GLY A 35 18.03 -9.53 3.85
N LYS A 36 18.90 -10.48 4.19
CA LYS A 36 18.78 -11.21 5.46
C LYS A 36 19.88 -10.91 6.49
N THR A 37 20.98 -10.27 6.07
CA THR A 37 22.11 -9.99 6.95
C THR A 37 22.33 -8.50 7.06
N PHE A 38 22.34 -8.01 8.30
CA PHE A 38 22.40 -6.60 8.50
C PHE A 38 23.67 -6.21 9.24
N THR A 39 24.11 -4.98 9.01
CA THR A 39 25.30 -4.45 9.61
C THR A 39 25.02 -4.06 11.05
N ASP A 40 26.04 -3.51 11.70
CA ASP A 40 25.98 -3.27 13.14
C ASP A 40 25.21 -2.01 13.50
N HIS A 41 25.19 -1.02 12.61
CA HIS A 41 24.52 0.24 12.90
C HIS A 41 23.39 0.62 11.92
N MET A 42 22.58 1.59 12.36
CA MET A 42 21.46 2.12 11.60
C MET A 42 21.36 3.60 11.87
N LEU A 43 20.84 4.33 10.89
CA LEU A 43 20.53 5.71 11.08
C LEU A 43 19.06 5.82 11.52
N MET A 44 18.77 6.85 12.30
CA MET A 44 17.44 7.06 12.87
C MET A 44 17.24 8.53 13.14
N VAL A 45 16.17 9.10 12.60
CA VAL A 45 15.77 10.48 12.82
C VAL A 45 14.25 10.49 13.00
N GLU A 46 13.76 11.15 14.04
CA GLU A 46 12.32 11.25 14.26
C GLU A 46 11.83 12.63 13.92
N TRP A 47 10.56 12.71 13.53
CA TRP A 47 9.91 13.98 13.26
C TRP A 47 8.60 14.06 14.05
N ASN A 48 8.32 15.24 14.56
CA ASN A 48 7.06 15.48 15.25
C ASN A 48 6.67 16.94 15.02
N ASP A 49 5.77 17.44 15.87
CA ASP A 49 5.32 18.84 15.81
C ASP A 49 6.46 19.86 15.99
N LYS A 50 7.51 19.49 16.71
CA LYS A 50 8.68 20.36 16.90
C LYS A 50 9.67 20.25 15.74
N GLY A 51 9.30 19.55 14.66
CA GLY A 51 10.20 19.35 13.52
C GLY A 51 11.06 18.11 13.69
N TRP A 52 12.19 18.05 12.99
CA TRP A 52 13.07 16.90 13.07
C TRP A 52 13.92 16.87 14.35
N GLY A 53 14.10 15.70 14.92
CA GLY A 53 15.02 15.54 16.02
C GLY A 53 16.46 15.51 15.50
N GLN A 54 17.37 15.26 16.42
CA GLN A 54 18.77 15.12 16.05
C GLN A 54 18.94 13.80 15.31
N PRO A 55 19.66 13.81 14.18
CA PRO A 55 19.91 12.50 13.58
C PRO A 55 20.85 11.67 14.44
N ARG A 56 20.63 10.37 14.46
CA ARG A 56 21.53 9.52 15.17
C ARG A 56 21.87 8.21 14.48
N ILE A 57 23.14 7.83 14.63
CA ILE A 57 23.62 6.52 14.24
C ILE A 57 23.63 5.72 15.51
N GLN A 58 23.09 4.53 15.46
CA GLN A 58 22.95 3.79 16.68
C GLN A 58 23.07 2.35 16.38
N PRO A 59 23.19 1.53 17.41
CA PRO A 59 23.26 0.11 17.14
C PRO A 59 22.01 -0.39 16.42
N PHE A 60 22.17 -1.43 15.60
CA PHE A 60 21.03 -2.04 14.89
C PHE A 60 20.09 -2.69 15.90
N GLN A 61 18.83 -2.29 15.90
CA GLN A 61 17.89 -2.76 16.91
C GLN A 61 16.43 -2.66 16.44
N ASN A 62 15.54 -3.40 17.09
CA ASN A 62 14.11 -3.37 16.77
C ASN A 62 13.50 -1.98 16.90
N LEU A 63 12.40 -1.76 16.19
CA LEU A 63 11.63 -0.52 16.31
C LEU A 63 10.54 -0.74 17.34
N THR A 64 10.17 0.31 18.05
CA THR A 64 9.05 0.25 18.97
C THR A 64 7.94 1.11 18.40
N LEU A 65 6.81 0.49 18.10
CA LEU A 65 5.70 1.25 17.51
C LEU A 65 4.38 1.07 18.25
N HIS A 66 3.68 2.19 18.40
CA HIS A 66 2.32 2.22 18.92
C HIS A 66 1.44 1.30 18.03
N PRO A 67 0.51 0.53 18.62
CA PRO A 67 -0.29 -0.40 17.78
C PRO A 67 -1.19 0.29 16.75
N ALA A 68 -1.44 1.57 16.94
CA ALA A 68 -2.24 2.39 16.00
C ALA A 68 -1.40 3.14 14.96
N SER A 69 -0.08 2.90 14.93
CA SER A 69 0.82 3.61 14.04
C SER A 69 0.31 3.62 12.61
N SER A 70 0.22 4.79 12.01
CA SER A 70 -0.35 4.92 10.68
C SER A 70 0.47 4.21 9.60
N SER A 71 1.72 3.89 9.94
CA SER A 71 2.61 3.13 9.06
C SER A 71 2.07 1.75 8.80
N LEU A 72 1.32 1.22 9.77
CA LEU A 72 0.83 -0.18 9.74
C LEU A 72 -0.65 -0.33 9.38
N HIS A 73 -1.40 0.74 9.49
CA HIS A 73 -2.83 0.69 9.18
C HIS A 73 -3.14 1.25 7.80
N TYR A 74 -2.52 2.38 7.45
CA TYR A 74 -2.77 3.07 6.16
C TYR A 74 -1.54 3.19 5.23
N SER A 75 -0.58 2.30 5.39
CA SER A 75 0.61 2.20 4.55
C SER A 75 1.29 3.55 4.32
N LEU A 76 1.44 4.35 5.38
CA LEU A 76 2.20 5.58 5.28
C LEU A 76 3.65 5.15 5.39
N GLN A 77 4.15 4.65 4.26
CA GLN A 77 5.50 4.09 4.23
C GLN A 77 6.09 4.18 2.84
N LEU A 78 7.37 4.49 2.78
CA LEU A 78 8.10 4.54 1.50
C LEU A 78 9.53 4.11 1.78
N PHE A 79 10.25 3.72 0.71
CA PHE A 79 11.61 3.22 0.84
C PHE A 79 12.43 3.53 -0.39
N GLU A 80 13.73 3.32 -0.24
CA GLU A 80 14.67 3.46 -1.33
C GLU A 80 15.61 2.30 -1.30
N GLY A 81 16.41 2.22 -2.33
CA GLY A 81 17.33 1.11 -2.50
C GLY A 81 18.46 1.58 -3.39
N MET A 82 19.67 1.52 -2.87
CA MET A 82 20.86 1.88 -3.62
C MET A 82 22.05 1.07 -3.14
N LYS A 83 23.12 1.07 -3.94
CA LYS A 83 24.30 0.27 -3.66
C LYS A 83 25.57 1.10 -3.47
N ALA A 84 26.41 0.67 -2.52
CA ALA A 84 27.75 1.24 -2.32
C ALA A 84 28.72 0.19 -2.81
N PHE A 85 29.71 0.62 -3.58
CA PHE A 85 30.70 -0.28 -4.17
C PHE A 85 32.12 0.05 -3.70
N LYS A 86 32.84 -0.99 -3.30
CA LYS A 86 34.24 -0.83 -2.90
C LYS A 86 35.12 -1.10 -4.15
N GLY A 87 35.82 -0.08 -4.63
CA GLY A 87 36.65 -0.23 -5.83
C GLY A 87 37.93 -1.03 -5.62
N LYS A 88 38.71 -1.18 -6.69
CA LYS A 88 40.02 -1.85 -6.61
C LYS A 88 40.91 -1.05 -5.66
N ASP A 89 40.83 0.27 -5.78
CA ASP A 89 41.50 1.18 -4.83
C ASP A 89 40.92 1.18 -3.40
N GLN A 90 40.09 0.19 -3.06
CA GLN A 90 39.46 0.11 -1.72
C GLN A 90 38.64 1.34 -1.28
N GLN A 91 38.34 2.22 -2.23
CA GLN A 91 37.48 3.36 -1.98
C GLN A 91 36.02 2.87 -2.17
N VAL A 92 35.19 3.14 -1.16
CA VAL A 92 33.76 2.83 -1.21
C VAL A 92 33.01 3.98 -1.83
N ARG A 93 32.17 3.66 -2.81
CA ARG A 93 31.42 4.69 -3.55
C ARG A 93 29.94 4.37 -3.76
N LEU A 94 29.11 5.40 -3.74
CA LEU A 94 27.68 5.27 -4.03
C LEU A 94 27.43 5.67 -5.48
N PHE A 95 26.54 4.93 -6.15
CA PHE A 95 26.11 5.21 -7.50
C PHE A 95 24.93 6.15 -7.52
N ARG A 96 25.14 7.30 -8.16
CA ARG A 96 24.14 8.34 -8.36
C ARG A 96 23.13 8.52 -7.22
N PRO A 97 23.62 8.59 -5.97
CA PRO A 97 22.74 8.69 -4.79
C PRO A 97 21.80 9.89 -4.81
N TRP A 98 22.20 10.98 -5.48
CA TRP A 98 21.37 12.18 -5.55
C TRP A 98 19.99 11.87 -6.14
N LEU A 99 19.96 10.97 -7.12
CA LEU A 99 18.71 10.55 -7.75
C LEU A 99 17.81 9.81 -6.74
N ASN A 100 18.35 8.85 -6.01
CA ASN A 100 17.61 8.22 -4.94
C ASN A 100 17.03 9.22 -3.95
N MET A 101 17.83 10.21 -3.54
CA MET A 101 17.37 11.24 -2.62
C MET A 101 16.20 12.03 -3.23
N ASP A 102 16.31 12.39 -4.50
CA ASP A 102 15.24 13.10 -5.20
C ASP A 102 13.95 12.27 -5.20
N ARG A 103 14.10 10.99 -5.52
CA ARG A 103 12.96 10.08 -5.64
C ARG A 103 12.29 9.85 -4.28
N MET A 104 13.10 9.65 -3.25
CA MET A 104 12.60 9.53 -1.87
C MET A 104 11.79 10.75 -1.47
N LEU A 105 12.26 11.93 -1.84
CA LEU A 105 11.55 13.16 -1.49
C LEU A 105 10.19 13.26 -2.19
N ARG A 106 10.14 12.87 -3.47
CA ARG A 106 8.89 12.82 -4.22
C ARG A 106 7.92 11.83 -3.59
N SER A 107 8.45 10.69 -3.15
CA SER A 107 7.63 9.72 -2.46
C SER A 107 7.04 10.32 -1.18
N ALA A 108 7.89 10.96 -0.37
CA ALA A 108 7.46 11.58 0.90
C ALA A 108 6.35 12.61 0.67
N MET A 109 6.49 13.45 -0.34
CA MET A 109 5.50 14.44 -0.61
C MET A 109 4.16 13.80 -1.02
N ARG A 110 4.22 12.72 -1.79
CA ARG A 110 3.00 12.08 -2.25
C ARG A 110 2.19 11.47 -1.09
N LEU A 111 2.89 11.04 -0.05
CA LEU A 111 2.25 10.51 1.14
C LEU A 111 2.07 11.54 2.29
N CYS A 112 2.29 12.83 2.01
CA CYS A 112 2.18 13.90 3.01
C CYS A 112 3.06 13.63 4.22
N LEU A 113 4.22 13.05 3.94
CA LEU A 113 5.20 12.77 4.96
C LEU A 113 6.19 13.93 4.95
N PRO A 114 6.89 14.16 6.09
CA PRO A 114 7.71 15.37 6.19
C PRO A 114 8.85 15.45 5.21
N SER A 115 9.02 16.63 4.63
CA SER A 115 10.17 16.97 3.81
C SER A 115 11.50 16.99 4.59
N PHE A 116 12.60 16.84 3.88
CA PHE A 116 13.92 16.90 4.47
C PHE A 116 14.90 17.43 3.44
N ASP A 117 16.13 17.68 3.88
CA ASP A 117 17.16 18.20 2.99
C ASP A 117 17.92 17.02 2.43
N LYS A 118 17.87 16.88 1.10
CA LYS A 118 18.47 15.72 0.41
C LYS A 118 19.95 15.57 0.66
N LEU A 119 20.65 16.70 0.70
CA LEU A 119 22.11 16.66 0.92
C LEU A 119 22.46 16.32 2.37
N GLU A 120 21.58 16.69 3.31
CA GLU A 120 21.83 16.34 4.71
C GLU A 120 21.64 14.85 4.94
N LEU A 121 20.58 14.28 4.36
CA LEU A 121 20.36 12.83 4.48
C LEU A 121 21.51 12.07 3.85
N LEU A 122 21.98 12.55 2.69
CA LEU A 122 23.09 11.87 1.99
C LEU A 122 24.35 11.79 2.86
N GLU A 123 24.70 12.93 3.47
CA GLU A 123 25.84 12.99 4.39
C GLU A 123 25.62 12.03 5.56
N CYS A 124 24.42 12.06 6.17
CA CYS A 124 24.13 11.15 7.27
C CYS A 124 24.29 9.72 6.82
N ILE A 125 23.83 9.42 5.61
CA ILE A 125 24.03 8.08 5.08
C ILE A 125 25.53 7.82 4.84
N ARG A 126 26.26 8.80 4.33
CA ARG A 126 27.71 8.61 4.11
C ARG A 126 28.37 8.27 5.45
N ARG A 127 28.04 9.06 6.45
CA ARG A 127 28.55 8.84 7.80
C ARG A 127 28.23 7.44 8.30
N LEU A 128 27.02 6.95 8.04
CA LEU A 128 26.63 5.61 8.50
C LEU A 128 27.42 4.50 7.83
N ILE A 129 27.68 4.65 6.54
CA ILE A 129 28.41 3.61 5.81
C ILE A 129 29.87 3.64 6.28
N GLU A 130 30.38 4.86 6.49
CA GLU A 130 31.72 5.00 7.03
C GLU A 130 31.85 4.23 8.35
N VAL A 131 30.89 4.37 9.27
CA VAL A 131 30.92 3.60 10.52
C VAL A 131 30.95 2.10 10.24
N ASP A 132 30.12 1.63 9.29
CA ASP A 132 30.08 0.19 9.00
C ASP A 132 30.91 -0.14 7.77
N LYS A 133 31.95 0.64 7.50
CA LYS A 133 32.80 0.43 6.30
C LYS A 133 33.29 -1.00 6.15
N ASP A 134 33.65 -1.63 7.25
CA ASP A 134 34.19 -2.99 7.21
C ASP A 134 33.14 -4.03 6.81
N TRP A 135 31.87 -3.66 6.76
CA TRP A 135 30.83 -4.58 6.25
C TRP A 135 30.79 -4.60 4.72
N VAL A 136 31.37 -3.59 4.07
CA VAL A 136 31.33 -3.52 2.60
C VAL A 136 32.21 -4.62 2.01
N PRO A 137 31.59 -5.61 1.34
CA PRO A 137 32.43 -6.64 0.72
C PRO A 137 33.21 -6.07 -0.46
N ASP A 138 34.24 -6.79 -0.90
CA ASP A 138 35.11 -6.33 -2.01
C ASP A 138 35.32 -7.36 -3.11
N ALA A 139 34.81 -8.58 -2.91
CA ALA A 139 34.83 -9.61 -3.93
C ALA A 139 34.09 -9.08 -5.17
N ALA A 140 34.44 -9.62 -6.34
CA ALA A 140 33.83 -9.16 -7.58
C ALA A 140 32.31 -9.30 -7.56
N GLY A 141 31.62 -8.27 -8.05
CA GLY A 141 30.16 -8.28 -8.12
C GLY A 141 29.44 -8.05 -6.80
N THR A 142 30.17 -7.82 -5.71
CA THR A 142 29.52 -7.61 -4.43
C THR A 142 29.34 -6.12 -4.21
N SER A 143 28.47 -5.82 -3.24
CA SER A 143 28.14 -4.45 -2.89
C SER A 143 27.53 -4.40 -1.52
N LEU A 144 27.30 -3.18 -1.04
CA LEU A 144 26.54 -2.96 0.18
C LEU A 144 25.22 -2.32 -0.24
N TYR A 145 24.13 -2.97 0.12
CA TYR A 145 22.77 -2.46 -0.19
C TYR A 145 22.31 -1.49 0.89
N VAL A 146 21.95 -0.28 0.48
CA VAL A 146 21.46 0.76 1.35
C VAL A 146 19.90 0.86 1.28
N ARG A 147 19.24 0.75 2.44
CA ARG A 147 17.77 0.76 2.53
C ARG A 147 17.24 1.84 3.43
N PRO A 148 17.09 3.05 2.90
CA PRO A 148 16.44 4.10 3.64
C PRO A 148 14.93 3.90 3.61
N VAL A 149 14.27 4.25 4.71
CA VAL A 149 12.83 4.11 4.91
C VAL A 149 12.28 5.35 5.59
N LEU A 150 11.12 5.83 5.16
CA LEU A 150 10.40 6.87 5.85
C LEU A 150 8.95 6.40 6.07
N ILE A 151 8.49 6.46 7.32
CA ILE A 151 7.12 6.00 7.71
C ILE A 151 6.40 6.99 8.60
N GLY A 152 5.07 7.03 8.50
CA GLY A 152 4.28 7.91 9.36
C GLY A 152 4.19 7.15 10.66
N ASN A 153 3.98 7.84 11.77
CA ASN A 153 3.95 7.14 13.06
C ASN A 153 2.97 7.78 14.04
N GLU A 154 1.86 8.26 13.50
CA GLU A 154 0.82 8.92 14.27
C GLU A 154 0.12 7.81 15.06
N PRO A 155 -0.03 7.97 16.38
CA PRO A 155 -0.76 6.97 17.17
C PRO A 155 -2.28 7.22 17.11
N SER A 156 -2.85 7.05 15.92
CA SER A 156 -4.24 7.42 15.68
C SER A 156 -4.79 6.71 14.44
N LEU A 157 -6.04 6.28 14.53
CA LEU A 157 -6.70 5.54 13.45
C LEU A 157 -7.30 6.50 12.42
N GLY A 158 -7.20 7.81 12.65
CA GLY A 158 -7.66 8.75 11.65
C GLY A 158 -6.81 8.62 10.38
N VAL A 159 -7.44 8.65 9.21
CA VAL A 159 -6.73 8.65 7.92
C VAL A 159 -6.37 10.10 7.62
N SER A 160 -5.13 10.48 7.90
CA SER A 160 -4.75 11.89 7.77
C SER A 160 -3.24 12.12 7.76
N GLN A 161 -2.86 13.35 7.46
CA GLN A 161 -1.47 13.73 7.46
C GLN A 161 -0.90 13.50 8.86
N PRO A 162 0.11 12.61 8.96
CA PRO A 162 0.68 12.32 10.26
C PRO A 162 1.42 13.52 10.81
N THR A 163 1.42 13.62 12.15
CA THR A 163 2.12 14.65 12.87
C THR A 163 3.42 14.09 13.42
N ARG A 164 3.65 12.78 13.27
CA ARG A 164 4.92 12.17 13.66
C ARG A 164 5.38 11.20 12.58
N ALA A 165 6.68 11.13 12.38
CA ALA A 165 7.26 10.25 11.38
C ALA A 165 8.61 9.76 11.84
N LEU A 166 9.11 8.72 11.18
CA LEU A 166 10.38 8.11 11.46
C LEU A 166 11.12 7.83 10.15
N LEU A 167 12.35 8.36 10.05
CA LEU A 167 13.27 8.08 8.95
C LEU A 167 14.39 7.19 9.48
N PHE A 168 14.56 6.01 8.89
CA PHE A 168 15.68 5.16 9.24
C PHE A 168 16.37 4.58 8.02
N VAL A 169 17.62 4.14 8.21
CA VAL A 169 18.43 3.51 7.17
C VAL A 169 19.12 2.30 7.73
N ILE A 170 18.93 1.17 7.09
CA ILE A 170 19.65 -0.04 7.44
C ILE A 170 20.48 -0.46 6.23
N LEU A 171 21.48 -1.30 6.48
CA LEU A 171 22.42 -1.74 5.43
C LEU A 171 22.54 -3.24 5.41
N CYS A 172 22.77 -3.80 4.20
CA CYS A 172 22.89 -5.25 3.97
C CYS A 172 24.03 -5.51 3.01
N PRO A 173 25.04 -6.31 3.43
CA PRO A 173 26.03 -6.70 2.44
C PRO A 173 25.43 -7.70 1.46
N VAL A 174 25.78 -7.61 0.19
CA VAL A 174 25.25 -8.58 -0.77
C VAL A 174 26.34 -9.12 -1.70
N GLY A 175 26.17 -10.37 -2.13
CA GLY A 175 27.10 -11.01 -3.03
C GLY A 175 26.90 -10.54 -4.46
N ALA A 176 27.56 -11.23 -5.39
CA ALA A 176 27.35 -10.97 -6.81
C ALA A 176 25.94 -11.47 -7.18
N TYR A 177 25.20 -10.68 -7.96
CA TYR A 177 23.85 -11.10 -8.36
C TYR A 177 23.94 -12.37 -9.21
N PHE A 178 24.91 -12.39 -10.14
CA PHE A 178 25.10 -13.54 -11.03
C PHE A 178 26.23 -14.44 -10.51
N PRO A 179 25.94 -15.75 -10.32
CA PRO A 179 26.86 -16.70 -9.63
C PRO A 179 28.34 -16.59 -10.03
N GLY A 180 28.70 -17.03 -11.24
CA GLY A 180 30.09 -16.99 -11.68
C GLY A 180 30.45 -15.73 -12.45
N GLY A 181 29.67 -14.67 -12.26
CA GLY A 181 29.85 -13.42 -13.02
C GLY A 181 29.08 -13.42 -14.34
N SER A 182 28.80 -14.61 -14.86
CA SER A 182 28.08 -14.79 -16.12
C SER A 182 26.63 -14.32 -15.97
N VAL A 183 26.23 -13.41 -16.84
CA VAL A 183 24.86 -12.91 -16.81
C VAL A 183 23.89 -14.06 -17.18
N THR A 184 22.91 -14.32 -16.32
CA THR A 184 21.99 -15.45 -16.49
C THR A 184 20.55 -14.98 -16.78
N PRO A 185 19.94 -15.47 -17.87
CA PRO A 185 18.64 -14.94 -18.27
C PRO A 185 17.45 -15.47 -17.48
N VAL A 186 16.34 -14.74 -17.51
CA VAL A 186 15.11 -15.14 -16.79
C VAL A 186 13.90 -15.36 -17.67
N SER A 187 12.93 -16.09 -17.15
CA SER A 187 11.67 -16.30 -17.87
C SER A 187 10.63 -15.47 -17.15
N LEU A 188 9.65 -14.99 -17.92
CA LEU A 188 8.62 -14.12 -17.41
C LEU A 188 7.25 -14.64 -17.69
N LEU A 189 6.37 -14.51 -16.69
CA LEU A 189 4.94 -14.74 -16.85
C LEU A 189 4.25 -13.42 -17.23
N ALA A 190 3.64 -13.39 -18.40
CA ALA A 190 2.89 -12.20 -18.87
C ALA A 190 1.42 -12.57 -18.87
N ASP A 191 0.71 -12.22 -17.80
CA ASP A 191 -0.73 -12.45 -17.75
C ASP A 191 -1.49 -11.13 -17.52
N PRO A 192 -2.38 -10.77 -18.45
CA PRO A 192 -3.15 -9.52 -18.42
C PRO A 192 -4.07 -9.33 -17.22
N ALA A 193 -4.30 -10.41 -16.47
CA ALA A 193 -5.21 -10.36 -15.32
C ALA A 193 -4.63 -9.60 -14.15
N PHE A 194 -3.32 -9.43 -14.20
CA PHE A 194 -2.56 -8.83 -13.13
C PHE A 194 -2.24 -7.39 -13.51
N ILE A 195 -2.47 -6.47 -12.59
CA ILE A 195 -2.16 -5.07 -12.80
C ILE A 195 -1.31 -4.57 -11.61
N ARG A 196 -0.14 -4.01 -11.90
CA ARG A 196 0.79 -3.50 -10.87
C ARG A 196 0.43 -2.08 -10.49
N ALA A 197 -0.03 -1.32 -11.49
CA ALA A 197 -0.24 0.11 -11.28
C ALA A 197 -1.11 0.70 -12.40
N TRP A 198 -1.68 1.86 -12.17
CA TRP A 198 -2.58 2.48 -13.15
C TRP A 198 -2.35 3.99 -13.27
N VAL A 199 -2.72 4.56 -14.42
CA VAL A 199 -2.55 6.00 -14.63
C VAL A 199 -3.48 6.65 -13.62
N GLY A 200 -2.97 7.61 -12.87
CA GLY A 200 -3.75 8.23 -11.80
C GLY A 200 -3.50 7.58 -10.45
N GLY A 201 -2.63 6.59 -10.42
CA GLY A 201 -2.30 5.86 -9.21
C GLY A 201 -0.96 6.30 -8.66
N VAL A 202 -0.25 5.39 -8.00
CA VAL A 202 1.02 5.74 -7.34
C VAL A 202 2.18 4.76 -7.64
N GLY A 203 2.02 4.02 -8.74
CA GLY A 203 3.04 3.08 -9.23
C GLY A 203 4.37 3.75 -9.58
N ASN A 204 4.35 5.05 -9.83
CA ASN A 204 5.57 5.77 -10.12
C ASN A 204 6.30 6.33 -8.88
N TYR A 205 5.87 5.92 -7.69
CA TYR A 205 6.56 6.24 -6.43
C TYR A 205 6.94 4.92 -5.77
N LYS A 206 7.99 4.96 -4.94
CA LYS A 206 8.52 3.75 -4.34
C LYS A 206 7.92 3.61 -2.96
N LEU A 207 6.62 3.32 -2.97
CA LEU A 207 5.78 3.20 -1.76
C LEU A 207 5.54 1.74 -1.49
N GLY A 208 5.62 1.36 -0.21
CA GLY A 208 5.42 -0.04 0.18
C GLY A 208 4.14 -0.64 -0.40
N GLY A 209 3.09 0.18 -0.51
CA GLY A 209 1.79 -0.31 -1.01
C GLY A 209 1.79 -0.95 -2.38
N ASN A 210 2.77 -0.59 -3.22
CA ASN A 210 2.89 -1.12 -4.57
C ASN A 210 3.43 -2.53 -4.62
N TYR A 211 4.05 -2.97 -3.53
CA TYR A 211 4.75 -4.28 -3.51
C TYR A 211 3.98 -5.44 -2.91
N GLY A 212 3.31 -5.20 -1.79
CA GLY A 212 2.56 -6.27 -1.09
C GLY A 212 1.66 -7.08 -2.01
N PRO A 213 0.90 -6.40 -2.88
CA PRO A 213 0.01 -7.09 -3.82
C PRO A 213 0.73 -7.88 -4.91
N THR A 214 2.03 -7.66 -5.10
CA THR A 214 2.74 -8.45 -6.11
C THR A 214 3.12 -9.88 -5.62
N VAL A 215 3.10 -10.10 -4.31
CA VAL A 215 3.55 -11.39 -3.77
C VAL A 215 2.77 -12.57 -4.32
N LEU A 216 1.45 -12.47 -4.31
CA LEU A 216 0.60 -13.54 -4.82
C LEU A 216 0.86 -13.73 -6.30
N VAL A 217 1.05 -12.63 -7.04
CA VAL A 217 1.30 -12.78 -8.49
C VAL A 217 2.64 -13.48 -8.79
N GLN A 218 3.67 -13.16 -8.01
CA GLN A 218 4.99 -13.79 -8.14
C GLN A 218 4.89 -15.31 -7.84
N GLN A 219 4.13 -15.68 -6.82
CA GLN A 219 3.84 -17.08 -6.57
C GLN A 219 3.20 -17.74 -7.75
N GLU A 220 2.29 -17.05 -8.43
CA GLU A 220 1.66 -17.61 -9.63
C GLU A 220 2.69 -17.77 -10.77
N ALA A 221 3.64 -16.84 -10.89
CA ALA A 221 4.69 -16.96 -11.89
C ALA A 221 5.49 -18.26 -11.64
N LEU A 222 5.96 -18.44 -10.41
CA LEU A 222 6.62 -19.69 -9.98
C LEU A 222 5.78 -20.93 -10.27
N LYS A 223 4.52 -20.93 -9.84
CA LYS A 223 3.61 -22.03 -10.12
C LYS A 223 3.59 -22.38 -11.60
N ARG A 224 3.61 -21.37 -12.47
CA ARG A 224 3.52 -21.60 -13.90
C ARG A 224 4.87 -21.80 -14.59
N GLY A 225 5.91 -21.97 -13.79
CA GLY A 225 7.26 -22.25 -14.30
C GLY A 225 8.08 -21.08 -14.78
N CYS A 226 7.73 -19.87 -14.34
CA CYS A 226 8.47 -18.67 -14.71
C CYS A 226 9.18 -18.12 -13.50
N GLU A 227 10.15 -17.25 -13.72
CA GLU A 227 10.91 -16.68 -12.60
C GLU A 227 10.46 -15.30 -12.15
N GLN A 228 9.85 -14.53 -13.05
CA GLN A 228 9.41 -13.18 -12.70
C GLN A 228 8.16 -12.80 -13.45
N VAL A 229 7.54 -11.70 -13.01
CA VAL A 229 6.32 -11.20 -13.62
C VAL A 229 6.58 -10.06 -14.64
N LEU A 230 6.02 -10.20 -15.83
CA LEU A 230 6.04 -9.13 -16.80
C LEU A 230 4.71 -8.45 -16.63
N TRP A 231 4.73 -7.27 -16.01
CA TRP A 231 3.53 -6.53 -15.72
C TRP A 231 2.94 -5.82 -16.93
N LEU A 232 1.75 -6.24 -17.33
CA LEU A 232 1.07 -5.68 -18.47
C LEU A 232 0.02 -4.68 -18.01
N TYR A 233 -0.22 -3.68 -18.86
CA TYR A 233 -1.17 -2.63 -18.57
C TYR A 233 -1.97 -2.24 -19.79
N GLY A 234 -3.25 -1.99 -19.55
CA GLY A 234 -4.16 -1.46 -20.57
C GLY A 234 -4.75 -2.54 -21.45
N PRO A 235 -5.81 -2.19 -22.20
CA PRO A 235 -6.45 -3.15 -23.10
C PRO A 235 -5.49 -3.60 -24.20
N ASP A 236 -4.47 -2.80 -24.49
CA ASP A 236 -3.44 -3.15 -25.48
C ASP A 236 -2.20 -3.88 -24.92
N HIS A 237 -2.25 -4.35 -23.69
CA HIS A 237 -1.15 -5.16 -23.15
C HIS A 237 0.23 -4.53 -23.33
N GLN A 238 0.35 -3.32 -22.79
CA GLN A 238 1.64 -2.66 -22.74
C GLN A 238 2.53 -3.37 -21.76
N LEU A 239 3.79 -3.55 -22.13
CA LEU A 239 4.79 -4.11 -21.23
C LEU A 239 5.27 -2.92 -20.38
N THR A 240 5.14 -2.98 -19.06
CA THR A 240 5.53 -1.85 -18.23
C THR A 240 6.83 -2.06 -17.46
N GLU A 241 6.89 -3.15 -16.70
CA GLU A 241 8.02 -3.49 -15.83
C GLU A 241 8.18 -4.99 -15.72
N VAL A 242 9.36 -5.40 -15.30
CA VAL A 242 9.66 -6.81 -15.15
C VAL A 242 9.99 -6.99 -13.69
N GLY A 243 9.05 -7.57 -12.94
CA GLY A 243 9.30 -7.79 -11.51
C GLY A 243 9.41 -6.45 -10.86
N THR A 244 10.57 -6.15 -10.26
CA THR A 244 10.85 -4.81 -9.70
C THR A 244 11.92 -4.10 -10.55
N MET A 245 11.93 -4.38 -11.85
CA MET A 245 12.90 -3.80 -12.80
C MET A 245 12.20 -3.09 -13.95
N ASN A 246 12.86 -2.09 -14.51
CA ASN A 246 12.38 -1.42 -15.71
C ASN A 246 12.69 -2.34 -16.87
N ILE A 247 11.91 -2.27 -17.93
CA ILE A 247 12.10 -3.14 -19.08
C ILE A 247 12.61 -2.34 -20.29
N PHE A 248 13.51 -2.95 -21.02
CA PHE A 248 14.12 -2.40 -22.22
C PHE A 248 14.05 -3.43 -23.33
N VAL A 249 13.83 -2.98 -24.56
CA VAL A 249 13.82 -3.81 -25.74
C VAL A 249 14.78 -3.17 -26.77
N TYR A 250 15.68 -3.99 -27.29
CA TYR A 250 16.64 -3.59 -28.32
C TYR A 250 16.27 -4.39 -29.55
N TRP A 251 15.83 -3.67 -30.57
CA TRP A 251 15.30 -4.27 -31.77
C TRP A 251 15.39 -3.32 -32.97
N THR A 252 15.04 -3.84 -34.14
CA THR A 252 14.86 -3.02 -35.32
C THR A 252 13.36 -2.80 -35.31
N HIS A 253 12.97 -1.54 -35.21
CA HIS A 253 11.55 -1.20 -35.07
C HIS A 253 10.86 -1.37 -36.45
N GLU A 254 9.54 -1.25 -36.49
CA GLU A 254 8.72 -1.35 -37.73
C GLU A 254 9.14 -0.41 -38.87
N ASP A 255 9.69 0.75 -38.52
CA ASP A 255 10.19 1.70 -39.51
C ASP A 255 11.61 1.38 -40.03
N GLY A 256 12.14 0.18 -39.73
CA GLY A 256 13.50 -0.20 -40.13
C GLY A 256 14.67 0.35 -39.30
N VAL A 257 14.39 1.12 -38.25
CA VAL A 257 15.46 1.73 -37.45
C VAL A 257 15.83 0.88 -36.22
N LEU A 258 17.11 0.54 -36.10
CA LEU A 258 17.62 -0.13 -34.91
C LEU A 258 17.41 0.79 -33.71
N GLU A 259 16.73 0.33 -32.68
CA GLU A 259 16.50 1.20 -31.53
C GLU A 259 16.47 0.48 -30.19
N LEU A 260 16.73 1.28 -29.16
CA LEU A 260 16.53 0.89 -27.76
C LEU A 260 15.33 1.68 -27.28
N VAL A 261 14.35 0.94 -26.79
CA VAL A 261 13.11 1.50 -26.32
C VAL A 261 12.79 1.03 -24.90
N THR A 262 12.28 1.95 -24.09
CA THR A 262 11.76 1.65 -22.77
C THR A 262 10.47 2.46 -22.56
N PRO A 263 9.50 1.93 -21.79
CA PRO A 263 8.27 2.68 -21.57
C PRO A 263 8.48 4.05 -20.91
N PRO A 264 7.66 5.03 -21.29
CA PRO A 264 7.85 6.35 -20.80
C PRO A 264 7.28 6.53 -19.40
N LEU A 265 7.74 7.57 -18.72
CA LEU A 265 7.28 7.93 -17.38
C LEU A 265 5.92 8.63 -17.42
N ASN A 266 4.88 7.85 -17.68
CA ASN A 266 3.54 8.39 -17.75
C ASN A 266 2.65 8.05 -16.54
N GLY A 267 3.26 7.62 -15.43
CA GLY A 267 2.52 7.31 -14.23
C GLY A 267 2.55 5.85 -13.78
N VAL A 268 2.70 4.90 -14.71
CA VAL A 268 2.70 3.49 -14.32
C VAL A 268 4.13 2.91 -14.23
N ILE A 269 5.14 3.73 -14.51
CA ILE A 269 6.54 3.30 -14.50
C ILE A 269 7.30 3.92 -13.33
N LEU A 270 7.95 3.09 -12.52
CA LEU A 270 8.85 3.60 -11.47
C LEU A 270 10.12 4.10 -12.20
N PRO A 271 10.51 5.38 -12.04
CA PRO A 271 11.70 5.93 -12.72
C PRO A 271 13.02 5.49 -12.06
N GLY A 272 13.51 4.32 -12.51
CA GLY A 272 14.69 3.69 -11.97
C GLY A 272 15.93 4.50 -12.26
N VAL A 273 16.87 4.47 -11.32
CA VAL A 273 18.16 5.14 -11.45
C VAL A 273 18.94 4.43 -12.53
N VAL A 274 18.89 3.10 -12.54
CA VAL A 274 19.60 2.36 -13.56
C VAL A 274 19.00 2.66 -14.94
N ARG A 275 17.67 2.61 -15.03
CA ARG A 275 16.95 2.95 -16.25
C ARG A 275 17.41 4.30 -16.80
N GLN A 276 17.44 5.32 -15.97
CA GLN A 276 17.88 6.61 -16.48
C GLN A 276 19.35 6.55 -16.95
N SER A 277 20.18 5.79 -16.23
CA SER A 277 21.58 5.71 -16.52
C SER A 277 21.80 5.02 -17.85
N LEU A 278 20.96 4.02 -18.15
CA LEU A 278 21.10 3.29 -19.41
C LEU A 278 20.71 4.19 -20.60
N LEU A 279 19.64 4.97 -20.44
CA LEU A 279 19.25 5.97 -21.46
C LEU A 279 20.35 7.02 -21.65
N ASP A 280 20.91 7.52 -20.55
CA ASP A 280 21.99 8.49 -20.64
C ASP A 280 23.18 7.94 -21.43
N MET A 281 23.64 6.73 -21.07
CA MET A 281 24.78 6.09 -21.74
C MET A 281 24.52 5.88 -23.22
N ALA A 282 23.37 5.27 -23.54
CA ALA A 282 23.06 4.96 -24.92
C ALA A 282 22.84 6.25 -25.75
N GLN A 283 22.23 7.27 -25.15
CA GLN A 283 22.08 8.56 -25.83
C GLN A 283 23.46 9.13 -26.13
N THR A 284 24.35 9.07 -25.16
CA THR A 284 25.68 9.58 -25.32
C THR A 284 26.45 8.89 -26.46
N TRP A 285 26.34 7.58 -26.58
CA TRP A 285 27.08 6.87 -27.63
C TRP A 285 26.67 7.35 -29.00
N GLY A 286 25.37 7.60 -29.17
CA GLY A 286 24.84 8.10 -30.43
C GLY A 286 24.94 7.12 -31.58
N GLU A 287 24.85 5.83 -31.29
CA GLU A 287 24.98 4.83 -32.34
C GLU A 287 23.67 4.24 -32.83
N PHE A 288 22.58 4.53 -32.13
CA PHE A 288 21.29 3.99 -32.54
C PHE A 288 20.21 4.83 -31.88
N ARG A 289 18.99 4.73 -32.37
CA ARG A 289 17.93 5.51 -31.79
C ARG A 289 17.61 5.02 -30.36
N VAL A 290 17.37 5.97 -29.46
CA VAL A 290 17.04 5.72 -28.07
C VAL A 290 15.79 6.47 -27.75
N VAL A 291 14.72 5.75 -27.39
CA VAL A 291 13.43 6.38 -27.16
C VAL A 291 12.67 5.84 -25.96
N GLU A 292 11.78 6.69 -25.46
CA GLU A 292 10.82 6.30 -24.44
C GLU A 292 9.48 6.25 -25.15
N ARG A 293 8.94 5.05 -25.29
CA ARG A 293 7.65 4.84 -25.94
C ARG A 293 7.02 3.60 -25.39
N THR A 294 5.70 3.53 -25.42
CA THR A 294 5.04 2.31 -24.96
C THR A 294 5.39 1.16 -25.91
N ILE A 295 5.29 -0.05 -25.39
CA ILE A 295 5.63 -1.24 -26.12
C ILE A 295 4.48 -2.17 -25.84
N THR A 296 3.85 -2.74 -26.86
CA THR A 296 2.73 -3.66 -26.66
C THR A 296 3.12 -5.10 -26.96
N MET A 297 2.36 -6.04 -26.42
CA MET A 297 2.63 -7.46 -26.69
C MET A 297 2.48 -7.74 -28.18
N LYS A 298 1.53 -7.07 -28.83
CA LYS A 298 1.33 -7.26 -30.27
C LYS A 298 2.58 -6.86 -31.04
N GLN A 299 3.15 -5.71 -30.68
CA GLN A 299 4.37 -5.25 -31.32
C GLN A 299 5.51 -6.24 -31.06
N LEU A 300 5.60 -6.74 -29.83
CA LEU A 300 6.67 -7.71 -29.52
C LEU A 300 6.51 -9.01 -30.35
N LEU A 301 5.30 -9.56 -30.39
CA LEU A 301 5.04 -10.83 -31.08
C LEU A 301 5.42 -10.70 -32.55
N ARG A 302 4.97 -9.61 -33.15
CA ARG A 302 5.28 -9.36 -34.54
C ARG A 302 6.77 -9.17 -34.74
N ALA A 303 7.43 -8.42 -33.85
CA ALA A 303 8.88 -8.26 -33.98
C ALA A 303 9.62 -9.61 -33.82
N LEU A 304 9.13 -10.48 -32.95
CA LEU A 304 9.76 -11.80 -32.75
C LEU A 304 9.56 -12.69 -33.98
N GLU A 305 8.36 -12.65 -34.55
CA GLU A 305 8.07 -13.45 -35.75
C GLU A 305 8.93 -12.98 -36.92
N GLU A 306 9.25 -11.69 -36.96
CA GLU A 306 10.04 -11.13 -38.05
C GLU A 306 11.55 -11.11 -37.80
N GLY A 307 11.98 -11.72 -36.70
CA GLY A 307 13.40 -11.75 -36.33
C GLY A 307 13.98 -10.37 -36.12
N ARG A 308 13.19 -9.44 -35.60
CA ARG A 308 13.67 -8.09 -35.42
C ARG A 308 14.17 -7.82 -33.99
N VAL A 309 13.84 -8.70 -33.05
CA VAL A 309 14.26 -8.52 -31.66
C VAL A 309 15.69 -9.01 -31.45
N ARG A 310 16.53 -8.17 -30.84
CA ARG A 310 17.87 -8.60 -30.48
C ARG A 310 17.99 -8.97 -29.02
N GLU A 311 17.64 -8.03 -28.14
CA GLU A 311 17.77 -8.25 -26.69
C GLU A 311 16.60 -7.62 -25.93
N VAL A 312 16.12 -8.32 -24.92
CA VAL A 312 15.16 -7.81 -23.97
C VAL A 312 15.76 -7.96 -22.61
N PHE A 313 15.58 -6.97 -21.74
CA PHE A 313 16.18 -7.04 -20.42
C PHE A 313 15.57 -6.09 -19.42
N GLY A 314 15.73 -6.46 -18.16
CA GLY A 314 15.30 -5.61 -17.08
C GLY A 314 16.49 -4.81 -16.59
N SER A 315 16.20 -3.68 -15.97
CA SER A 315 17.22 -2.86 -15.35
C SER A 315 16.79 -2.58 -13.94
N GLY A 316 17.72 -2.61 -13.03
CA GLY A 316 17.41 -2.31 -11.63
C GLY A 316 18.66 -2.38 -10.77
N THR A 317 18.58 -1.84 -9.56
CA THR A 317 19.72 -1.86 -8.65
C THR A 317 20.14 -3.32 -8.33
N ALA A 318 19.18 -4.24 -8.30
CA ALA A 318 19.48 -5.61 -7.92
C ALA A 318 20.53 -6.26 -8.83
N CYS A 319 20.21 -6.34 -10.11
CA CYS A 319 21.04 -7.03 -11.10
C CYS A 319 21.86 -6.09 -11.99
N GLN A 320 21.49 -4.80 -11.99
CA GLN A 320 21.95 -3.80 -12.98
C GLN A 320 21.24 -4.04 -14.31
N VAL A 321 21.55 -5.16 -14.98
CA VAL A 321 20.96 -5.50 -16.27
C VAL A 321 20.71 -6.99 -16.33
N CYS A 322 19.47 -7.39 -16.57
CA CYS A 322 19.04 -8.78 -16.49
C CYS A 322 18.42 -9.31 -17.80
N PRO A 323 19.10 -10.24 -18.50
CA PRO A 323 18.56 -10.71 -19.77
C PRO A 323 17.30 -11.53 -19.60
N VAL A 324 16.43 -11.46 -20.60
CA VAL A 324 15.18 -12.22 -20.60
C VAL A 324 15.28 -13.17 -21.77
N HIS A 325 14.99 -14.46 -21.55
CA HIS A 325 15.01 -15.46 -22.62
C HIS A 325 13.68 -16.05 -22.96
N ARG A 326 12.69 -15.86 -22.10
CA ARG A 326 11.38 -16.46 -22.36
C ARG A 326 10.26 -15.64 -21.75
N ILE A 327 9.13 -15.62 -22.45
CA ILE A 327 7.92 -14.97 -21.94
C ILE A 327 6.77 -15.92 -22.19
N LEU A 328 6.09 -16.29 -21.12
CA LEU A 328 4.91 -17.17 -21.23
C LEU A 328 3.73 -16.21 -21.26
N TYR A 329 3.13 -16.07 -22.42
CA TYR A 329 2.02 -15.15 -22.60
C TYR A 329 0.80 -15.98 -22.82
N LYS A 330 -0.08 -15.98 -21.81
CA LYS A 330 -1.26 -16.83 -21.79
C LYS A 330 -0.75 -18.28 -21.82
N ASP A 331 -0.89 -18.98 -22.94
CA ASP A 331 -0.36 -20.34 -23.05
C ASP A 331 0.91 -20.42 -23.91
N ARG A 332 1.10 -19.44 -24.79
CA ARG A 332 2.26 -19.44 -25.68
C ARG A 332 3.60 -19.13 -25.01
N ASN A 333 4.53 -20.07 -25.17
CA ASN A 333 5.87 -19.93 -24.68
C ASN A 333 6.65 -19.21 -25.78
N LEU A 334 7.00 -17.94 -25.54
CA LEU A 334 7.75 -17.17 -26.54
C LEU A 334 9.22 -17.17 -26.21
N HIS A 335 10.06 -17.56 -27.17
CA HIS A 335 11.50 -17.50 -26.96
C HIS A 335 12.00 -16.10 -27.33
N ILE A 336 12.86 -15.55 -26.48
CA ILE A 336 13.40 -14.22 -26.69
C ILE A 336 14.88 -14.48 -26.95
N PRO A 337 15.40 -14.06 -28.12
CA PRO A 337 16.74 -14.49 -28.52
C PRO A 337 17.88 -13.65 -27.98
N THR A 338 17.70 -13.13 -26.76
CA THR A 338 18.66 -12.26 -26.15
C THR A 338 20.03 -12.87 -26.10
N MET A 339 20.11 -14.11 -25.61
CA MET A 339 21.38 -14.78 -25.46
C MET A 339 22.00 -15.19 -26.79
N GLU A 340 21.21 -15.36 -27.83
CA GLU A 340 21.76 -15.69 -29.14
C GLU A 340 22.32 -14.45 -29.86
N ASN A 341 22.17 -13.26 -29.27
CA ASN A 341 22.64 -12.01 -29.85
C ASN A 341 23.70 -11.35 -29.00
N GLY A 342 24.48 -12.19 -28.28
CA GLY A 342 25.61 -11.74 -27.48
C GLY A 342 25.53 -12.20 -26.04
N PRO A 343 24.75 -11.52 -25.19
CA PRO A 343 23.95 -10.33 -25.52
C PRO A 343 24.82 -9.07 -25.54
N GLU A 344 24.99 -8.53 -26.72
CA GLU A 344 25.96 -7.49 -26.95
C GLU A 344 25.67 -6.19 -26.19
N LEU A 345 24.44 -5.71 -26.24
CA LEU A 345 24.15 -4.44 -25.58
C LEU A 345 24.19 -4.60 -24.08
N ILE A 346 23.64 -5.70 -23.60
CA ILE A 346 23.67 -6.00 -22.18
C ILE A 346 25.10 -6.05 -21.65
N LEU A 347 25.97 -6.74 -22.36
CA LEU A 347 27.37 -6.87 -21.96
C LEU A 347 28.03 -5.51 -21.95
N ARG A 348 27.80 -4.72 -22.98
CA ARG A 348 28.38 -3.39 -23.04
C ARG A 348 27.91 -2.48 -21.89
N PHE A 349 26.62 -2.54 -21.55
CA PHE A 349 26.13 -1.74 -20.41
C PHE A 349 26.79 -2.24 -19.13
N GLN A 350 26.76 -3.54 -18.92
CA GLN A 350 27.35 -4.13 -17.72
C GLN A 350 28.80 -3.68 -17.52
N LYS A 351 29.59 -3.82 -18.58
CA LYS A 351 31.01 -3.46 -18.55
C LYS A 351 31.20 -2.00 -18.22
N GLU A 352 30.47 -1.11 -18.90
CA GLU A 352 30.66 0.32 -18.67
C GLU A 352 30.23 0.70 -17.23
N LEU A 353 29.15 0.11 -16.75
CA LEU A 353 28.68 0.40 -15.39
C LEU A 353 29.66 -0.10 -14.33
N LYS A 354 30.13 -1.34 -14.50
CA LYS A 354 31.13 -1.90 -13.61
C LYS A 354 32.36 -0.98 -13.53
N GLU A 355 32.85 -0.52 -14.67
CA GLU A 355 34.00 0.38 -14.70
C GLU A 355 33.75 1.65 -13.90
N ILE A 356 32.58 2.22 -14.07
CA ILE A 356 32.23 3.44 -13.37
C ILE A 356 32.08 3.17 -11.88
N GLN A 357 31.40 2.07 -11.55
CA GLN A 357 31.02 1.73 -10.19
C GLN A 357 32.16 1.26 -9.30
N TYR A 358 33.11 0.54 -9.86
CA TYR A 358 34.20 0.02 -9.06
C TYR A 358 35.47 0.88 -9.13
N GLY A 359 35.32 2.13 -9.54
CA GLY A 359 36.41 3.09 -9.57
C GLY A 359 37.45 2.90 -10.68
N ILE A 360 37.22 1.90 -11.54
CA ILE A 360 38.12 1.63 -12.68
C ILE A 360 38.23 2.87 -13.59
N ARG A 361 37.28 3.80 -13.46
CA ARG A 361 37.24 4.99 -14.28
C ARG A 361 36.49 6.10 -13.53
N ALA A 362 37.24 7.06 -12.98
CA ALA A 362 36.68 8.19 -12.21
C ALA A 362 35.52 8.84 -12.96
N HIS A 363 34.43 9.11 -12.24
CA HIS A 363 33.22 9.56 -12.89
C HIS A 363 32.33 10.41 -11.99
N GLU A 364 31.74 11.45 -12.57
CA GLU A 364 30.81 12.33 -11.86
C GLU A 364 29.57 11.60 -11.27
N TRP A 365 29.30 10.36 -11.71
CA TRP A 365 28.18 9.55 -11.21
C TRP A 365 28.50 8.93 -9.86
N MET A 366 29.76 8.87 -9.48
CA MET A 366 30.14 8.27 -8.23
C MET A 366 30.34 9.26 -7.09
N PHE A 367 29.88 8.88 -5.89
CA PHE A 367 29.93 9.70 -4.69
C PHE A 367 30.81 8.97 -3.70
N PRO A 368 31.99 9.53 -3.40
CA PRO A 368 32.89 8.81 -2.49
C PRO A 368 32.38 8.81 -1.05
N VAL A 369 32.51 7.68 -0.39
CA VAL A 369 32.18 7.61 1.01
C VAL A 369 33.40 8.04 1.81
N SER B 7 -3.78 -25.39 11.74
CA SER B 7 -3.87 -24.30 10.73
C SER B 7 -4.67 -23.06 11.23
N SER B 8 -4.78 -22.92 12.55
CA SER B 8 -5.45 -21.76 13.19
C SER B 8 -5.33 -21.83 14.70
N PHE B 9 -5.18 -20.67 15.32
CA PHE B 9 -5.22 -20.56 16.76
C PHE B 9 -6.64 -20.89 17.24
N LYS B 10 -6.75 -21.21 18.52
CA LYS B 10 -8.02 -21.55 19.17
C LYS B 10 -8.29 -20.58 20.30
N ALA B 11 -9.52 -20.14 20.40
CA ALA B 11 -9.93 -19.24 21.48
C ALA B 11 -9.82 -19.94 22.84
N ALA B 12 -10.00 -21.28 22.80
CA ALA B 12 -9.87 -22.14 23.98
C ALA B 12 -8.50 -22.02 24.64
N ASP B 13 -7.46 -21.83 23.81
CA ASP B 13 -6.08 -21.67 24.32
C ASP B 13 -5.75 -20.26 24.82
N LEU B 14 -6.73 -19.37 24.88
CA LEU B 14 -6.47 -17.98 25.28
C LEU B 14 -5.67 -17.87 26.55
N GLN B 15 -4.66 -17.00 26.53
CA GLN B 15 -3.88 -16.64 27.70
C GLN B 15 -4.32 -15.25 28.08
N LEU B 16 -4.75 -15.06 29.32
CA LEU B 16 -5.17 -13.76 29.77
C LEU B 16 -4.12 -13.15 30.68
N GLU B 17 -3.78 -11.89 30.45
CA GLU B 17 -2.90 -11.15 31.33
C GLU B 17 -3.53 -9.80 31.57
N MET B 18 -4.24 -9.69 32.68
CA MET B 18 -4.87 -8.44 33.07
C MET B 18 -3.81 -7.38 33.32
N THR B 19 -4.22 -6.12 33.29
CA THR B 19 -3.30 -5.00 33.43
C THR B 19 -2.99 -4.76 34.89
N GLN B 20 -1.84 -4.14 35.14
CA GLN B 20 -1.43 -3.79 36.49
C GLN B 20 -2.08 -2.46 36.84
N LYS B 21 -1.86 -1.45 35.99
CA LYS B 21 -2.43 -0.12 36.18
C LYS B 21 -3.50 0.14 35.11
N PRO B 22 -4.79 -0.01 35.47
CA PRO B 22 -5.87 0.37 34.56
C PRO B 22 -5.85 1.87 34.24
N HIS B 23 -6.11 2.23 32.99
CA HIS B 23 -6.21 3.61 32.58
C HIS B 23 -7.60 4.13 32.88
N LYS B 24 -7.68 5.42 33.21
CA LYS B 24 -8.95 6.02 33.57
C LYS B 24 -9.75 6.31 32.31
N LYS B 25 -11.05 6.02 32.36
CA LYS B 25 -11.95 6.32 31.24
C LYS B 25 -12.01 7.84 30.99
N PRO B 26 -12.39 8.26 29.78
CA PRO B 26 -12.43 9.69 29.47
C PRO B 26 -13.52 10.48 30.19
N VAL B 33 -12.63 13.04 19.73
CA VAL B 33 -11.93 12.72 18.48
C VAL B 33 -11.85 11.20 18.29
N PHE B 34 -12.11 10.74 17.07
CA PHE B 34 -12.03 9.31 16.73
C PHE B 34 -10.61 8.80 16.60
N GLY B 35 -10.38 7.58 17.09
CA GLY B 35 -9.13 6.87 16.91
C GLY B 35 -7.94 7.30 17.75
N LYS B 36 -8.16 7.97 18.86
CA LYS B 36 -7.09 8.49 19.74
C LYS B 36 -7.01 7.79 21.11
N THR B 37 -8.16 7.44 21.66
CA THR B 37 -8.25 6.85 22.99
C THR B 37 -8.45 5.39 22.87
N PHE B 38 -7.61 4.60 23.52
CA PHE B 38 -7.66 3.15 23.40
C PHE B 38 -7.94 2.52 24.76
N THR B 39 -8.30 1.25 24.78
CA THR B 39 -8.67 0.60 26.02
C THR B 39 -7.49 -0.13 26.64
N ASP B 40 -7.74 -0.79 27.78
CA ASP B 40 -6.72 -1.44 28.59
C ASP B 40 -6.01 -2.62 27.97
N HIS B 41 -6.70 -3.39 27.15
CA HIS B 41 -6.15 -4.62 26.60
C HIS B 41 -6.19 -4.68 25.06
N MET B 42 -5.52 -5.67 24.52
CA MET B 42 -5.43 -5.88 23.09
C MET B 42 -5.32 -7.36 22.92
N LEU B 43 -5.70 -7.85 21.76
CA LEU B 43 -5.49 -9.23 21.43
C LEU B 43 -4.20 -9.28 20.62
N MET B 44 -3.41 -10.33 20.81
CA MET B 44 -2.19 -10.54 20.05
C MET B 44 -2.06 -11.99 19.75
N VAL B 45 -1.71 -12.31 18.51
CA VAL B 45 -1.43 -13.68 18.14
C VAL B 45 -0.28 -13.66 17.14
N GLU B 46 0.74 -14.49 17.40
CA GLU B 46 1.90 -14.59 16.54
C GLU B 46 1.76 -15.80 15.67
N TRP B 47 2.33 -15.73 14.49
CA TRP B 47 2.35 -16.84 13.56
C TRP B 47 3.75 -16.97 13.04
N ASN B 48 4.14 -18.21 12.73
CA ASN B 48 5.41 -18.45 12.07
C ASN B 48 5.44 -19.80 11.35
N ASP B 49 6.64 -20.35 11.15
CA ASP B 49 6.80 -21.66 10.52
C ASP B 49 6.11 -22.79 11.31
N LYS B 50 6.09 -22.69 12.64
CA LYS B 50 5.41 -23.66 13.47
C LYS B 50 3.90 -23.33 13.64
N GLY B 51 3.35 -22.56 12.70
CA GLY B 51 1.93 -22.20 12.73
C GLY B 51 1.61 -21.08 13.68
N TRP B 52 0.35 -21.00 14.06
CA TRP B 52 -0.11 -19.95 14.96
C TRP B 52 0.28 -20.29 16.38
N GLY B 53 0.70 -19.29 17.12
CA GLY B 53 0.93 -19.48 18.54
C GLY B 53 -0.43 -19.45 19.22
N GLN B 54 -0.41 -19.32 20.54
CA GLN B 54 -1.66 -19.24 21.29
C GLN B 54 -2.05 -17.81 21.38
N PRO B 55 -3.35 -17.52 21.27
CA PRO B 55 -3.78 -16.13 21.36
C PRO B 55 -3.68 -15.65 22.78
N ARG B 56 -3.42 -14.35 22.93
CA ARG B 56 -3.35 -13.80 24.24
C ARG B 56 -3.94 -12.41 24.30
N ILE B 57 -4.67 -12.14 25.38
CA ILE B 57 -5.15 -10.82 25.70
C ILE B 57 -4.16 -10.34 26.71
N GLN B 58 -3.54 -9.22 26.39
CA GLN B 58 -2.48 -8.68 27.22
C GLN B 58 -2.83 -7.25 27.39
N PRO B 59 -2.16 -6.54 28.31
CA PRO B 59 -2.43 -5.12 28.39
C PRO B 59 -2.03 -4.44 27.10
N PHE B 60 -2.60 -3.26 26.87
CA PHE B 60 -2.32 -2.49 25.68
C PHE B 60 -0.84 -2.14 25.77
N GLN B 61 -0.10 -2.34 24.69
CA GLN B 61 1.34 -2.08 24.68
C GLN B 61 1.89 -1.92 23.26
N ASN B 62 3.09 -1.38 23.16
CA ASN B 62 3.74 -1.21 21.86
C ASN B 62 4.09 -2.50 21.18
N LEU B 63 4.28 -2.41 19.87
CA LEU B 63 4.78 -3.52 19.10
C LEU B 63 6.29 -3.36 19.03
N THR B 64 6.99 -4.46 18.96
CA THR B 64 8.44 -4.45 18.78
C THR B 64 8.64 -5.11 17.44
N LEU B 65 9.20 -4.37 16.46
CA LEU B 65 9.39 -4.91 15.10
C LEU B 65 10.84 -4.81 14.62
N HIS B 66 11.31 -5.85 13.99
CA HIS B 66 12.57 -5.83 13.30
C HIS B 66 12.52 -4.71 12.24
N PRO B 67 13.63 -3.98 12.05
CA PRO B 67 13.68 -2.86 11.11
C PRO B 67 13.40 -3.22 9.64
N ALA B 68 13.61 -4.50 9.29
CA ALA B 68 13.30 -5.06 7.97
C ALA B 68 11.88 -5.67 7.84
N SER B 69 11.02 -5.51 8.85
CA SER B 69 9.69 -6.12 8.85
C SER B 69 8.97 -5.79 7.54
N SER B 70 8.55 -6.81 6.82
CA SER B 70 7.82 -6.62 5.55
C SER B 70 6.53 -5.78 5.68
N SER B 71 5.99 -5.66 6.89
CA SER B 71 4.83 -4.81 7.15
C SER B 71 5.12 -3.34 6.86
N LEU B 72 6.37 -2.95 7.04
CA LEU B 72 6.84 -1.57 6.88
C LEU B 72 7.50 -1.25 5.55
N HIS B 73 7.98 -2.28 4.86
CA HIS B 73 8.66 -2.08 3.58
C HIS B 73 7.77 -2.29 2.35
N TYR B 74 6.98 -3.37 2.39
CA TYR B 74 6.17 -3.82 1.28
C TYR B 74 4.68 -3.91 1.63
N SER B 75 4.28 -3.19 2.68
CA SER B 75 2.86 -3.03 3.02
C SER B 75 2.11 -4.34 3.14
N LEU B 76 2.73 -5.34 3.77
CA LEU B 76 2.02 -6.60 4.06
C LEU B 76 1.18 -6.32 5.30
N GLN B 77 0.06 -5.63 5.08
CA GLN B 77 -0.79 -5.18 6.16
C GLN B 77 -2.24 -5.06 5.68
N LEU B 78 -3.15 -5.42 6.56
CA LEU B 78 -4.59 -5.32 6.30
C LEU B 78 -5.26 -5.06 7.64
N PHE B 79 -6.46 -4.48 7.58
CA PHE B 79 -7.24 -4.18 8.77
C PHE B 79 -8.72 -4.40 8.58
N GLU B 80 -9.42 -4.36 9.71
CA GLU B 80 -10.86 -4.35 9.72
C GLU B 80 -11.34 -3.23 10.60
N GLY B 81 -12.63 -3.00 10.55
CA GLY B 81 -13.25 -1.92 11.26
C GLY B 81 -14.70 -2.28 11.49
N MET B 82 -15.11 -2.33 12.74
CA MET B 82 -16.49 -2.69 13.07
C MET B 82 -16.82 -2.11 14.42
N LYS B 83 -18.11 -2.12 14.76
CA LYS B 83 -18.54 -1.44 15.97
C LYS B 83 -19.33 -2.36 16.90
N ALA B 84 -19.17 -2.10 18.19
CA ALA B 84 -19.87 -2.82 19.23
C ALA B 84 -20.69 -1.76 19.91
N PHE B 85 -21.93 -2.09 20.25
CA PHE B 85 -22.88 -1.12 20.77
C PHE B 85 -23.47 -1.63 22.10
N LYS B 86 -23.56 -0.75 23.08
CA LYS B 86 -24.14 -1.09 24.38
C LYS B 86 -25.56 -0.49 24.41
N GLY B 87 -26.57 -1.35 24.44
CA GLY B 87 -27.97 -0.88 24.47
C GLY B 87 -28.43 -0.46 25.86
N LYS B 88 -29.69 -0.04 25.97
CA LYS B 88 -30.27 0.37 27.27
C LYS B 88 -30.24 -0.77 28.30
N ASP B 89 -30.37 -2.02 27.82
CA ASP B 89 -30.25 -3.18 28.69
C ASP B 89 -28.81 -3.47 29.14
N GLN B 90 -27.86 -2.63 28.73
CA GLN B 90 -26.45 -2.72 29.13
C GLN B 90 -25.70 -3.94 28.56
N GLN B 91 -26.34 -4.67 27.65
CA GLN B 91 -25.72 -5.73 26.90
C GLN B 91 -24.98 -5.09 25.69
N VAL B 92 -23.80 -5.64 25.40
CA VAL B 92 -22.96 -5.19 24.29
C VAL B 92 -23.12 -6.14 23.11
N ARG B 93 -23.34 -5.54 21.94
CA ARG B 93 -23.53 -6.30 20.73
C ARG B 93 -22.63 -5.77 19.60
N LEU B 94 -22.12 -6.69 18.80
CA LEU B 94 -21.36 -6.38 17.59
C LEU B 94 -22.33 -6.50 16.44
N PHE B 95 -22.21 -5.59 15.48
CA PHE B 95 -23.02 -5.62 14.29
C PHE B 95 -22.41 -6.45 13.16
N ARG B 96 -23.11 -7.53 12.81
CA ARG B 96 -22.76 -8.42 11.72
C ARG B 96 -21.27 -8.74 11.61
N PRO B 97 -20.63 -9.06 12.74
CA PRO B 97 -19.18 -9.28 12.73
C PRO B 97 -18.69 -10.36 11.78
N TRP B 98 -19.54 -11.33 11.49
CA TRP B 98 -19.17 -12.44 10.62
C TRP B 98 -18.75 -11.92 9.26
N LEU B 99 -19.37 -10.84 8.79
CA LEU B 99 -19.02 -10.29 7.49
C LEU B 99 -17.64 -9.64 7.51
N ASN B 100 -17.26 -9.01 8.62
CA ASN B 100 -15.94 -8.45 8.74
C ASN B 100 -14.87 -9.57 8.75
N MET B 101 -15.19 -10.69 9.39
CA MET B 101 -14.26 -11.82 9.47
C MET B 101 -14.08 -12.40 8.10
N ASP B 102 -15.17 -12.52 7.34
CA ASP B 102 -15.10 -12.98 5.95
C ASP B 102 -14.17 -12.09 5.12
N ARG B 103 -14.35 -10.81 5.25
CA ARG B 103 -13.60 -9.84 4.46
C ARG B 103 -12.12 -9.81 4.89
N MET B 104 -11.86 -9.94 6.18
CA MET B 104 -10.48 -9.99 6.68
C MET B 104 -9.69 -11.18 6.13
N LEU B 105 -10.35 -12.31 6.04
CA LEU B 105 -9.73 -13.51 5.51
C LEU B 105 -9.44 -13.37 4.01
N ARG B 106 -10.36 -12.76 3.26
CA ARG B 106 -10.12 -12.57 1.84
C ARG B 106 -8.90 -11.64 1.70
N SER B 107 -8.82 -10.61 2.53
CA SER B 107 -7.69 -9.69 2.50
C SER B 107 -6.37 -10.44 2.75
N ALA B 108 -6.40 -11.33 3.74
CA ALA B 108 -5.26 -12.13 4.14
C ALA B 108 -4.76 -12.96 3.00
N MET B 109 -5.65 -13.65 2.32
CA MET B 109 -5.28 -14.48 1.20
C MET B 109 -4.68 -13.64 0.06
N ARG B 110 -5.23 -12.46 -0.20
CA ARG B 110 -4.71 -11.65 -1.30
C ARG B 110 -3.25 -11.22 -1.08
N LEU B 111 -2.88 -10.99 0.18
CA LEU B 111 -1.53 -10.62 0.56
C LEU B 111 -0.65 -11.81 1.02
N CYS B 112 -1.10 -13.03 0.78
CA CYS B 112 -0.36 -14.23 1.17
C CYS B 112 -0.05 -14.23 2.67
N LEU B 113 -0.99 -13.75 3.47
CA LEU B 113 -0.82 -13.76 4.91
C LEU B 113 -1.53 -15.01 5.43
N PRO B 114 -1.17 -15.48 6.63
CA PRO B 114 -1.72 -16.77 7.06
C PRO B 114 -3.24 -16.81 7.31
N SER B 115 -3.85 -17.88 6.81
CA SER B 115 -5.25 -18.18 7.01
C SER B 115 -5.52 -18.43 8.50
N PHE B 116 -6.76 -18.21 8.93
CA PHE B 116 -7.18 -18.43 10.31
C PHE B 116 -8.65 -18.80 10.31
N ASP B 117 -9.14 -19.25 11.45
CA ASP B 117 -10.55 -19.62 11.60
C ASP B 117 -11.35 -18.41 12.06
N LYS B 118 -12.35 -18.07 11.25
CA LYS B 118 -13.14 -16.84 11.47
C LYS B 118 -13.88 -16.81 12.81
N LEU B 119 -14.41 -17.96 13.22
CA LEU B 119 -15.15 -18.07 14.49
C LEU B 119 -14.21 -18.02 15.66
N GLU B 120 -12.99 -18.57 15.50
CA GLU B 120 -12.03 -18.47 16.60
C GLU B 120 -11.65 -17.04 16.88
N LEU B 121 -11.35 -16.30 15.82
CA LEU B 121 -10.96 -14.90 15.98
C LEU B 121 -12.12 -14.09 16.57
N LEU B 122 -13.31 -14.29 16.04
CA LEU B 122 -14.49 -13.61 16.58
C LEU B 122 -14.63 -13.90 18.06
N GLU B 123 -14.51 -15.17 18.45
CA GLU B 123 -14.61 -15.51 19.88
C GLU B 123 -13.51 -14.78 20.65
N CYS B 124 -12.28 -14.75 20.10
CA CYS B 124 -11.21 -14.02 20.78
C CYS B 124 -11.54 -12.53 20.90
N ILE B 125 -12.14 -11.97 19.86
CA ILE B 125 -12.53 -10.55 19.91
C ILE B 125 -13.62 -10.36 20.96
N ARG B 126 -14.60 -11.26 20.97
CA ARG B 126 -15.67 -11.22 21.99
C ARG B 126 -15.03 -11.26 23.39
N ARG B 127 -14.13 -12.22 23.59
CA ARG B 127 -13.45 -12.34 24.89
C ARG B 127 -12.74 -11.05 25.26
N LEU B 128 -12.06 -10.44 24.27
CA LEU B 128 -11.35 -9.16 24.49
C LEU B 128 -12.29 -8.03 24.85
N ILE B 129 -13.41 -7.96 24.16
CA ILE B 129 -14.39 -6.94 24.49
C ILE B 129 -14.99 -7.27 25.87
N GLU B 130 -15.29 -8.53 26.12
CA GLU B 130 -15.81 -8.89 27.44
C GLU B 130 -14.93 -8.26 28.52
N VAL B 131 -13.63 -8.52 28.45
CA VAL B 131 -12.62 -7.98 29.38
C VAL B 131 -12.62 -6.46 29.50
N ASP B 132 -12.80 -5.74 28.39
CA ASP B 132 -12.84 -4.28 28.44
C ASP B 132 -14.28 -3.76 28.33
N LYS B 133 -15.26 -4.59 28.70
CA LYS B 133 -16.69 -4.21 28.63
C LYS B 133 -17.01 -2.83 29.19
N ASP B 134 -16.33 -2.43 30.27
CA ASP B 134 -16.58 -1.13 30.92
C ASP B 134 -16.22 0.08 30.09
N TRP B 135 -15.44 -0.15 29.03
CA TRP B 135 -15.05 0.90 28.10
C TRP B 135 -16.15 1.28 27.11
N VAL B 136 -17.13 0.38 26.91
CA VAL B 136 -18.14 0.60 25.89
C VAL B 136 -19.09 1.69 26.35
N PRO B 137 -19.05 2.85 25.68
CA PRO B 137 -19.95 3.90 26.13
C PRO B 137 -21.41 3.51 25.87
N ASP B 138 -22.36 4.21 26.49
CA ASP B 138 -23.77 3.94 26.23
C ASP B 138 -24.60 5.20 26.05
N ALA B 139 -23.93 6.31 25.75
CA ALA B 139 -24.63 7.55 25.46
C ALA B 139 -25.17 7.46 24.03
N ALA B 140 -26.19 8.26 23.72
CA ALA B 140 -26.77 8.24 22.39
C ALA B 140 -25.69 8.43 21.33
N GLY B 141 -25.72 7.60 20.30
CA GLY B 141 -24.82 7.71 19.17
C GLY B 141 -23.41 7.17 19.37
N THR B 142 -23.14 6.58 20.53
CA THR B 142 -21.79 6.10 20.85
C THR B 142 -21.64 4.60 20.66
N SER B 143 -20.38 4.17 20.61
CA SER B 143 -20.05 2.81 20.38
C SER B 143 -18.57 2.63 20.66
N LEU B 144 -18.13 1.38 20.60
CA LEU B 144 -16.75 1.03 20.70
C LEU B 144 -16.30 0.59 19.30
N TYR B 145 -15.25 1.21 18.80
CA TYR B 145 -14.67 0.84 17.49
C TYR B 145 -13.61 -0.24 17.70
N VAL B 146 -13.76 -1.33 16.96
CA VAL B 146 -12.93 -2.50 17.05
C VAL B 146 -12.06 -2.52 15.77
N ARG B 147 -10.74 -2.59 15.97
CA ARG B 147 -9.76 -2.52 14.87
C ARG B 147 -8.80 -3.71 14.92
N PRO B 148 -9.14 -4.79 14.22
CA PRO B 148 -8.25 -5.92 13.99
C PRO B 148 -7.25 -5.55 12.87
N VAL B 149 -6.08 -6.19 12.92
CA VAL B 149 -4.99 -5.94 11.99
C VAL B 149 -4.22 -7.22 11.84
N LEU B 150 -3.79 -7.53 10.61
CA LEU B 150 -2.90 -8.62 10.34
C LEU B 150 -1.73 -8.05 9.53
N ILE B 151 -0.50 -8.31 9.97
CA ILE B 151 0.70 -7.79 9.27
C ILE B 151 1.72 -8.87 9.04
N GLY B 152 2.44 -8.78 7.92
CA GLY B 152 3.59 -9.63 7.68
C GLY B 152 4.69 -9.17 8.62
N ASN B 153 5.59 -10.06 9.00
CA ASN B 153 6.65 -9.61 9.91
C ASN B 153 7.96 -10.33 9.63
N GLU B 154 8.26 -10.51 8.36
CA GLU B 154 9.49 -11.15 7.95
C GLU B 154 10.66 -10.23 8.24
N PRO B 155 11.74 -10.76 8.86
CA PRO B 155 12.88 -9.89 9.07
C PRO B 155 13.82 -9.96 7.86
N SER B 156 13.30 -9.87 6.65
CA SER B 156 14.17 -9.79 5.46
C SER B 156 13.63 -8.83 4.44
N LEU B 157 14.50 -8.32 3.57
CA LEU B 157 14.11 -7.34 2.57
C LEU B 157 13.62 -7.96 1.27
N GLY B 158 13.58 -9.29 1.21
CA GLY B 158 13.06 -9.99 0.04
C GLY B 158 11.57 -9.75 -0.07
N VAL B 159 11.09 -9.46 -1.27
CA VAL B 159 9.64 -9.31 -1.46
C VAL B 159 9.09 -10.71 -1.63
N SER B 160 8.56 -11.30 -0.57
CA SER B 160 8.10 -12.71 -0.63
C SER B 160 7.02 -13.04 0.38
N GLN B 161 6.45 -14.23 0.29
CA GLN B 161 5.42 -14.64 1.26
C GLN B 161 6.05 -14.66 2.64
N PRO B 162 5.46 -13.96 3.60
CA PRO B 162 6.10 -13.95 4.92
C PRO B 162 5.98 -15.29 5.62
N THR B 163 6.96 -15.57 6.47
CA THR B 163 7.00 -16.79 7.25
C THR B 163 6.70 -16.41 8.69
N ARG B 164 6.48 -15.11 8.93
CA ARG B 164 6.09 -14.59 10.21
C ARG B 164 5.01 -13.52 10.03
N ALA B 165 4.09 -13.48 10.98
CA ALA B 165 3.00 -12.53 10.98
C ALA B 165 2.49 -12.27 12.38
N LEU B 166 1.81 -11.15 12.54
CA LEU B 166 1.14 -10.74 13.78
C LEU B 166 -0.29 -10.30 13.51
N LEU B 167 -1.20 -10.88 14.29
CA LEU B 167 -2.58 -10.46 14.31
C LEU B 167 -2.82 -9.80 15.64
N PHE B 168 -3.27 -8.55 15.62
CA PHE B 168 -3.68 -7.91 16.83
C PHE B 168 -4.98 -7.16 16.66
N VAL B 169 -5.65 -6.91 17.79
CA VAL B 169 -6.90 -6.19 17.81
C VAL B 169 -6.82 -5.15 18.89
N ILE B 170 -7.13 -3.91 18.56
CA ILE B 170 -7.22 -2.85 19.53
C ILE B 170 -8.63 -2.30 19.49
N LEU B 171 -8.99 -1.57 20.54
CA LEU B 171 -10.37 -1.06 20.75
C LEU B 171 -10.33 0.42 21.12
N CYS B 172 -11.21 1.20 20.52
CA CYS B 172 -11.29 2.66 20.71
CA CYS B 172 -11.26 2.64 20.68
C CYS B 172 -12.72 3.05 20.98
N PRO B 173 -12.99 3.65 22.16
CA PRO B 173 -14.39 4.10 22.31
C PRO B 173 -14.62 5.36 21.49
N VAL B 174 -15.80 5.50 20.90
CA VAL B 174 -16.07 6.68 20.09
C VAL B 174 -17.43 7.30 20.43
N GLY B 175 -17.50 8.62 20.33
CA GLY B 175 -18.72 9.38 20.59
C GLY B 175 -19.62 9.43 19.37
N ALA B 176 -20.60 10.33 19.40
CA ALA B 176 -21.59 10.43 18.33
C ALA B 176 -20.96 11.01 17.07
N TYR B 177 -21.17 10.37 15.91
CA TYR B 177 -20.57 10.86 14.68
C TYR B 177 -21.18 12.20 14.29
N PHE B 178 -22.50 12.30 14.36
CA PHE B 178 -23.18 13.58 14.14
C PHE B 178 -23.38 14.26 15.48
N PRO B 179 -22.63 15.36 15.74
CA PRO B 179 -22.69 16.04 17.03
C PRO B 179 -24.07 16.58 17.36
N GLY B 180 -24.73 17.19 16.36
CA GLY B 180 -26.07 17.74 16.55
C GLY B 180 -27.12 16.70 16.92
N GLY B 181 -26.77 15.41 16.87
CA GLY B 181 -27.73 14.32 17.10
C GLY B 181 -28.63 14.17 15.89
N SER B 182 -28.18 14.70 14.75
CA SER B 182 -28.94 14.74 13.51
C SER B 182 -27.95 14.71 12.34
N VAL B 183 -28.26 13.90 11.33
CA VAL B 183 -27.40 13.82 10.13
C VAL B 183 -27.18 15.20 9.50
N THR B 184 -25.92 15.49 9.15
CA THR B 184 -25.52 16.72 8.48
C THR B 184 -24.81 16.38 7.16
N PRO B 185 -25.13 17.10 6.08
CA PRO B 185 -24.65 16.70 4.77
C PRO B 185 -23.21 17.10 4.47
N VAL B 186 -22.58 16.42 3.50
CA VAL B 186 -21.21 16.76 3.10
C VAL B 186 -21.08 17.18 1.66
N SER B 187 -20.02 17.91 1.37
CA SER B 187 -19.70 18.32 0.00
C SER B 187 -18.56 17.47 -0.50
N LEU B 188 -18.58 17.16 -1.79
CA LEU B 188 -17.59 16.28 -2.38
C LEU B 188 -16.82 16.96 -3.51
N LEU B 189 -15.52 16.71 -3.57
CA LEU B 189 -14.71 17.08 -4.73
C LEU B 189 -14.68 15.87 -5.66
N ALA B 190 -15.11 16.07 -6.91
CA ALA B 190 -15.11 15.03 -7.92
C ALA B 190 -14.13 15.38 -9.06
N ASP B 191 -12.90 14.90 -8.94
CA ASP B 191 -11.86 15.18 -9.92
C ASP B 191 -11.29 13.87 -10.51
N PRO B 192 -11.45 13.67 -11.83
CA PRO B 192 -11.03 12.40 -12.39
C PRO B 192 -9.54 12.07 -12.38
N ALA B 193 -8.66 13.02 -12.05
CA ALA B 193 -7.22 12.77 -12.07
C ALA B 193 -6.77 11.80 -10.97
N PHE B 194 -7.57 11.69 -9.92
CA PHE B 194 -7.24 10.85 -8.78
C PHE B 194 -8.05 9.57 -8.92
N ILE B 195 -7.35 8.43 -8.92
CA ILE B 195 -7.98 7.12 -9.06
C ILE B 195 -7.65 6.24 -7.84
N ARG B 196 -8.69 5.87 -7.09
CA ARG B 196 -8.55 5.12 -5.85
C ARG B 196 -8.16 3.68 -6.11
N ALA B 197 -8.72 3.09 -7.19
CA ALA B 197 -8.52 1.66 -7.46
C ALA B 197 -8.85 1.33 -8.90
N TRP B 198 -8.33 0.21 -9.36
CA TRP B 198 -8.44 -0.17 -10.77
C TRP B 198 -8.94 -1.59 -10.86
N VAL B 199 -9.63 -1.90 -11.95
CA VAL B 199 -10.06 -3.26 -12.17
C VAL B 199 -8.83 -4.15 -12.27
N GLY B 200 -8.88 -5.29 -11.61
CA GLY B 200 -7.72 -6.15 -11.55
C GLY B 200 -6.80 -5.81 -10.39
N GLY B 201 -7.03 -4.65 -9.72
CA GLY B 201 -6.22 -4.23 -8.58
C GLY B 201 -6.72 -4.82 -7.27
N VAL B 202 -6.58 -4.05 -6.17
CA VAL B 202 -6.92 -4.52 -4.83
C VAL B 202 -7.84 -3.56 -4.04
N GLY B 203 -8.55 -2.71 -4.77
CA GLY B 203 -9.46 -1.77 -4.16
C GLY B 203 -10.61 -2.43 -3.43
N ASN B 204 -10.89 -3.69 -3.78
CA ASN B 204 -11.97 -4.45 -3.12
C ASN B 204 -11.52 -5.22 -1.87
N TYR B 205 -10.32 -4.94 -1.38
CA TYR B 205 -9.83 -5.55 -0.14
C TYR B 205 -9.47 -4.40 0.79
N LYS B 206 -9.49 -4.63 2.11
CA LYS B 206 -9.21 -3.57 3.08
C LYS B 206 -7.74 -3.59 3.48
N LEU B 207 -6.90 -3.24 2.51
CA LEU B 207 -5.46 -3.26 2.65
C LEU B 207 -4.97 -1.85 2.92
N GLY B 208 -4.02 -1.74 3.87
CA GLY B 208 -3.51 -0.45 4.26
C GLY B 208 -3.04 0.37 3.05
N GLY B 209 -2.50 -0.32 2.03
CA GLY B 209 -1.98 0.35 0.79
C GLY B 209 -2.99 1.15 -0.03
N ASN B 210 -4.28 0.84 0.14
CA ASN B 210 -5.33 1.59 -0.51
C ASN B 210 -5.63 2.95 0.14
N TYR B 211 -5.17 3.18 1.37
CA TYR B 211 -5.55 4.40 2.11
C TYR B 211 -4.48 5.51 2.11
N GLY B 212 -3.23 5.14 2.35
CA GLY B 212 -2.17 6.15 2.35
C GLY B 212 -2.19 7.12 1.18
N PRO B 213 -2.39 6.61 -0.04
CA PRO B 213 -2.44 7.51 -1.20
C PRO B 213 -3.62 8.48 -1.26
N THR B 214 -4.66 8.27 -0.45
CA THR B 214 -5.84 9.15 -0.46
C THR B 214 -5.63 10.39 0.43
N VAL B 215 -4.59 10.40 1.26
CA VAL B 215 -4.39 11.49 2.20
C VAL B 215 -4.17 12.80 1.44
N LEU B 216 -3.29 12.80 0.44
CA LEU B 216 -3.05 13.99 -0.35
C LEU B 216 -4.31 14.44 -1.11
N VAL B 217 -5.08 13.49 -1.61
CA VAL B 217 -6.28 13.82 -2.35
C VAL B 217 -7.31 14.45 -1.42
N GLN B 218 -7.43 13.95 -0.19
CA GLN B 218 -8.35 14.53 0.80
C GLN B 218 -7.94 16.00 1.14
N GLN B 219 -6.64 16.23 1.32
CA GLN B 219 -6.14 17.60 1.46
C GLN B 219 -6.50 18.46 0.27
N GLU B 220 -6.41 17.91 -0.94
CA GLU B 220 -6.77 18.70 -2.09
C GLU B 220 -8.24 19.10 -1.99
N ALA B 221 -9.06 18.14 -1.53
CA ALA B 221 -10.50 18.39 -1.38
C ALA B 221 -10.76 19.57 -0.42
N LEU B 222 -10.15 19.54 0.75
CA LEU B 222 -10.31 20.65 1.72
C LEU B 222 -9.79 21.96 1.10
N LYS B 223 -8.58 21.93 0.57
CA LYS B 223 -8.02 23.10 -0.10
C LYS B 223 -9.10 23.69 -1.02
N ARG B 224 -9.81 22.83 -1.76
CA ARG B 224 -10.88 23.24 -2.68
C ARG B 224 -12.27 23.49 -2.02
N GLY B 225 -12.35 23.57 -0.70
CA GLY B 225 -13.62 23.81 0.00
C GLY B 225 -14.62 22.66 0.07
N CYS B 226 -14.13 21.44 -0.07
CA CYS B 226 -14.97 20.26 0.01
C CYS B 226 -14.58 19.44 1.19
N GLU B 227 -15.50 18.61 1.63
CA GLU B 227 -15.29 17.83 2.83
C GLU B 227 -14.74 16.43 2.58
N GLN B 228 -15.14 15.80 1.48
CA GLN B 228 -14.67 14.44 1.14
C GLN B 228 -14.46 14.32 -0.35
N VAL B 229 -13.90 13.18 -0.74
CA VAL B 229 -13.60 12.91 -2.14
C VAL B 229 -14.62 11.95 -2.73
N LEU B 230 -15.12 12.31 -3.90
CA LEU B 230 -15.96 11.43 -4.69
C LEU B 230 -15.03 10.72 -5.67
N TRP B 231 -14.84 9.42 -5.50
CA TRP B 231 -13.91 8.68 -6.32
C TRP B 231 -14.53 8.28 -7.65
N LEU B 232 -14.00 8.85 -8.74
CA LEU B 232 -14.51 8.55 -10.07
C LEU B 232 -13.64 7.51 -10.77
N TYR B 233 -14.26 6.70 -11.62
CA TYR B 233 -13.56 5.66 -12.35
C TYR B 233 -14.01 5.56 -13.80
N GLY B 234 -13.04 5.36 -14.68
CA GLY B 234 -13.27 5.10 -16.09
C GLY B 234 -13.49 6.33 -16.93
N PRO B 235 -13.49 6.15 -18.27
CA PRO B 235 -13.68 7.31 -19.15
C PRO B 235 -15.09 7.89 -19.01
N ASP B 236 -16.04 7.05 -18.61
CA ASP B 236 -17.42 7.49 -18.35
C ASP B 236 -17.65 8.04 -16.93
N HIS B 237 -16.56 8.21 -16.16
CA HIS B 237 -16.65 8.82 -14.84
C HIS B 237 -17.72 8.21 -13.93
N GLN B 238 -17.58 6.92 -13.69
CA GLN B 238 -18.45 6.20 -12.78
C GLN B 238 -18.19 6.66 -11.34
N LEU B 239 -19.25 6.88 -10.60
CA LEU B 239 -19.16 7.23 -9.20
C LEU B 239 -18.95 5.91 -8.48
N THR B 240 -17.81 5.75 -7.80
CA THR B 240 -17.53 4.50 -7.13
C THR B 240 -17.72 4.54 -5.64
N GLU B 241 -17.08 5.49 -4.97
CA GLU B 241 -17.11 5.57 -3.51
C GLU B 241 -17.00 7.02 -3.06
N VAL B 242 -17.41 7.27 -1.82
CA VAL B 242 -17.28 8.59 -1.18
C VAL B 242 -16.33 8.49 0.01
N GLY B 243 -15.15 9.07 -0.10
CA GLY B 243 -14.17 8.96 0.96
C GLY B 243 -13.92 7.48 1.22
N THR B 244 -14.16 7.04 2.44
CA THR B 244 -14.04 5.63 2.79
C THR B 244 -15.41 4.97 2.98
N MET B 245 -16.41 5.47 2.25
CA MET B 245 -17.77 4.99 2.29
C MET B 245 -18.26 4.53 0.91
N ASN B 246 -19.22 3.61 0.89
CA ASN B 246 -19.91 3.22 -0.34
C ASN B 246 -20.92 4.30 -0.73
N ILE B 247 -21.27 4.38 -2.00
CA ILE B 247 -22.20 5.42 -2.45
C ILE B 247 -23.52 4.85 -2.90
N PHE B 248 -24.59 5.52 -2.49
CA PHE B 248 -25.96 5.17 -2.88
C PHE B 248 -26.66 6.37 -3.46
N VAL B 249 -27.54 6.11 -4.44
CA VAL B 249 -28.38 7.16 -5.01
C VAL B 249 -29.83 6.66 -4.99
N TYR B 250 -30.70 7.48 -4.43
CA TYR B 250 -32.16 7.25 -4.39
C TYR B 250 -32.78 8.21 -5.40
N TRP B 251 -33.35 7.67 -6.48
CA TRP B 251 -33.85 8.51 -7.57
C TRP B 251 -34.94 7.84 -8.41
N THR B 252 -35.59 8.64 -9.26
CA THR B 252 -36.45 8.08 -10.30
C THR B 252 -35.55 7.85 -11.50
N HIS B 253 -35.37 6.59 -11.89
CA HIS B 253 -34.45 6.21 -12.99
C HIS B 253 -35.02 6.63 -14.33
N GLU B 254 -34.19 6.54 -15.38
CA GLU B 254 -34.62 6.82 -16.76
C GLU B 254 -35.95 6.19 -17.17
N ASP B 255 -36.19 4.93 -16.81
CA ASP B 255 -37.42 4.22 -17.17
C ASP B 255 -38.64 4.59 -16.30
N GLY B 256 -38.59 5.73 -15.62
CA GLY B 256 -39.70 6.19 -14.77
C GLY B 256 -39.90 5.48 -13.44
N VAL B 257 -39.03 4.51 -13.13
CA VAL B 257 -39.15 3.71 -11.91
C VAL B 257 -38.27 4.24 -10.74
N LEU B 258 -38.89 4.37 -9.56
CA LEU B 258 -38.18 4.78 -8.35
C LEU B 258 -37.23 3.68 -7.91
N GLU B 259 -35.95 3.99 -7.78
CA GLU B 259 -34.99 3.00 -7.34
C GLU B 259 -33.89 3.54 -6.42
N LEU B 260 -33.33 2.61 -5.66
CA LEU B 260 -32.15 2.79 -4.84
C LEU B 260 -31.06 2.01 -5.54
N VAL B 261 -30.01 2.71 -5.97
CA VAL B 261 -28.92 2.09 -6.70
C VAL B 261 -27.57 2.31 -5.99
N THR B 262 -26.70 1.31 -6.07
CA THR B 262 -25.33 1.42 -5.59
C THR B 262 -24.44 0.65 -6.61
N PRO B 263 -23.20 1.09 -6.82
CA PRO B 263 -22.37 0.35 -7.80
C PRO B 263 -22.13 -1.12 -7.43
N PRO B 264 -22.01 -2.00 -8.45
CA PRO B 264 -21.81 -3.41 -8.18
C PRO B 264 -20.40 -3.75 -7.76
N LEU B 265 -20.24 -4.93 -7.15
CA LEU B 265 -18.92 -5.37 -6.70
C LEU B 265 -18.16 -5.97 -7.85
N ASN B 266 -17.67 -5.12 -8.73
CA ASN B 266 -16.94 -5.53 -9.91
C ASN B 266 -15.42 -5.42 -9.72
N GLY B 267 -14.96 -5.24 -8.49
CA GLY B 267 -13.51 -5.14 -8.23
C GLY B 267 -12.95 -3.79 -7.75
N VAL B 268 -13.61 -2.67 -8.06
CA VAL B 268 -13.09 -1.37 -7.62
C VAL B 268 -13.86 -0.83 -6.42
N ILE B 269 -14.81 -1.63 -5.93
CA ILE B 269 -15.66 -1.24 -4.82
C ILE B 269 -15.35 -2.09 -3.60
N LEU B 270 -15.14 -1.45 -2.46
CA LEU B 270 -14.98 -2.16 -1.19
C LEU B 270 -16.38 -2.70 -0.76
N PRO B 271 -16.52 -4.01 -0.55
CA PRO B 271 -17.84 -4.54 -0.15
C PRO B 271 -18.18 -4.22 1.30
N GLY B 272 -18.74 -3.04 1.51
CA GLY B 272 -19.08 -2.57 2.83
C GLY B 272 -20.16 -3.40 3.53
N VAL B 273 -19.99 -3.59 4.83
CA VAL B 273 -21.00 -4.27 5.67
C VAL B 273 -22.31 -3.46 5.74
N VAL B 274 -22.19 -2.14 5.87
CA VAL B 274 -23.37 -1.28 5.94
C VAL B 274 -24.05 -1.29 4.61
N ARG B 275 -23.26 -1.20 3.55
CA ARG B 275 -23.76 -1.24 2.18
C ARG B 275 -24.65 -2.48 1.97
N GLN B 276 -24.13 -3.63 2.35
CA GLN B 276 -24.89 -4.83 2.19
C GLN B 276 -26.18 -4.77 3.07
N SER B 277 -26.09 -4.19 4.25
CA SER B 277 -27.22 -4.11 5.13
C SER B 277 -28.30 -3.17 4.59
N LEU B 278 -27.90 -2.10 3.90
CA LEU B 278 -28.87 -1.17 3.32
C LEU B 278 -29.59 -1.84 2.14
N LEU B 279 -28.87 -2.63 1.34
CA LEU B 279 -29.48 -3.45 0.30
C LEU B 279 -30.44 -4.49 0.90
N ASP B 280 -30.01 -5.22 1.92
CA ASP B 280 -30.87 -6.20 2.54
C ASP B 280 -32.15 -5.56 3.11
N MET B 281 -32.04 -4.46 3.87
CA MET B 281 -33.20 -3.79 4.44
C MET B 281 -34.17 -3.34 3.36
N ALA B 282 -33.65 -2.70 2.33
CA ALA B 282 -34.50 -2.14 1.30
C ALA B 282 -35.15 -3.24 0.47
N GLN B 283 -34.44 -4.35 0.29
CA GLN B 283 -35.02 -5.47 -0.42
C GLN B 283 -36.17 -6.00 0.43
N THR B 284 -35.92 -6.19 1.72
CA THR B 284 -36.93 -6.67 2.66
C THR B 284 -38.21 -5.83 2.66
N TRP B 285 -38.12 -4.49 2.63
CA TRP B 285 -39.34 -3.67 2.63
C TRP B 285 -40.16 -3.84 1.35
N GLY B 286 -39.49 -4.15 0.25
CA GLY B 286 -40.17 -4.38 -1.02
C GLY B 286 -41.02 -3.24 -1.50
N GLU B 287 -40.60 -2.01 -1.23
CA GLU B 287 -41.39 -0.84 -1.59
C GLU B 287 -40.92 -0.12 -2.84
N PHE B 288 -39.69 -0.38 -3.27
CA PHE B 288 -39.16 0.24 -4.49
C PHE B 288 -38.05 -0.64 -5.04
N ARG B 289 -37.59 -0.32 -6.22
CA ARG B 289 -36.58 -1.11 -6.87
C ARG B 289 -35.22 -0.93 -6.16
N VAL B 290 -34.54 -2.04 -5.93
CA VAL B 290 -33.23 -2.03 -5.28
C VAL B 290 -32.30 -2.67 -6.28
N VAL B 291 -31.27 -1.95 -6.72
CA VAL B 291 -30.40 -2.50 -7.74
C VAL B 291 -28.92 -2.18 -7.57
N GLU B 292 -28.07 -3.08 -8.08
CA GLU B 292 -26.63 -2.85 -8.12
C GLU B 292 -26.25 -2.57 -9.58
N ARG B 293 -25.99 -1.30 -9.88
CA ARG B 293 -25.64 -0.90 -11.21
C ARG B 293 -24.64 0.24 -11.16
N THR B 294 -23.78 0.29 -12.17
CA THR B 294 -22.89 1.40 -12.41
C THR B 294 -23.70 2.72 -12.47
N ILE B 295 -23.10 3.79 -11.98
CA ILE B 295 -23.71 5.13 -11.99
C ILE B 295 -22.65 6.07 -12.57
N THR B 296 -22.96 6.77 -13.65
CA THR B 296 -22.02 7.68 -14.27
C THR B 296 -22.35 9.11 -13.93
N MET B 297 -21.37 9.98 -13.96
CA MET B 297 -21.63 11.41 -13.76
C MET B 297 -22.69 11.98 -14.71
N LYS B 298 -22.73 11.51 -15.97
CA LYS B 298 -23.72 12.01 -16.92
C LYS B 298 -25.14 11.59 -16.55
N GLN B 299 -25.33 10.36 -16.07
CA GLN B 299 -26.65 9.94 -15.60
C GLN B 299 -27.08 10.82 -14.44
N LEU B 300 -26.13 11.11 -13.56
CA LEU B 300 -26.43 11.91 -12.39
C LEU B 300 -26.80 13.33 -12.81
N LEU B 301 -26.04 13.92 -13.74
CA LEU B 301 -26.28 15.30 -14.17
C LEU B 301 -27.65 15.42 -14.83
N ARG B 302 -27.98 14.45 -15.66
CA ARG B 302 -29.25 14.46 -16.36
C ARG B 302 -30.41 14.29 -15.37
N ALA B 303 -30.21 13.43 -14.37
CA ALA B 303 -31.25 13.19 -13.36
C ALA B 303 -31.46 14.45 -12.53
N LEU B 304 -30.37 15.15 -12.21
CA LEU B 304 -30.49 16.38 -11.42
C LEU B 304 -31.25 17.48 -12.20
N GLU B 305 -30.86 17.71 -13.46
CA GLU B 305 -31.54 18.68 -14.32
C GLU B 305 -33.02 18.35 -14.45
N GLU B 306 -33.35 17.07 -14.53
CA GLU B 306 -34.73 16.65 -14.71
C GLU B 306 -35.46 16.42 -13.38
N GLY B 307 -34.87 16.86 -12.27
CA GLY B 307 -35.52 16.78 -10.96
C GLY B 307 -35.83 15.38 -10.46
N ARG B 308 -35.06 14.40 -10.91
CA ARG B 308 -35.31 13.01 -10.59
C ARG B 308 -34.56 12.44 -9.36
N VAL B 309 -33.54 13.16 -8.87
CA VAL B 309 -32.73 12.68 -7.74
C VAL B 309 -33.39 13.09 -6.46
N ARG B 310 -33.59 12.15 -5.55
CA ARG B 310 -34.13 12.48 -4.24
C ARG B 310 -33.01 12.58 -3.20
N GLU B 311 -32.18 11.54 -3.10
CA GLU B 311 -31.13 11.52 -2.10
C GLU B 311 -29.85 10.83 -2.60
N VAL B 312 -28.71 11.41 -2.22
CA VAL B 312 -27.40 10.81 -2.47
C VAL B 312 -26.70 10.69 -1.13
N PHE B 313 -26.09 9.54 -0.85
CA PHE B 313 -25.45 9.35 0.42
C PHE B 313 -24.36 8.29 0.45
N GLY B 314 -23.46 8.42 1.42
CA GLY B 314 -22.47 7.42 1.67
C GLY B 314 -22.93 6.47 2.76
N SER B 315 -22.41 5.24 2.73
CA SER B 315 -22.65 4.23 3.77
C SER B 315 -21.29 3.71 4.28
N GLY B 316 -21.17 3.54 5.58
CA GLY B 316 -19.96 3.00 6.17
C GLY B 316 -20.09 2.91 7.68
N THR B 317 -19.18 2.17 8.32
CA THR B 317 -19.23 1.97 9.78
C THR B 317 -19.09 3.29 10.57
N ALA B 318 -18.40 4.28 10.02
CA ALA B 318 -18.22 5.56 10.70
C ALA B 318 -19.53 6.26 11.01
N CYS B 319 -20.27 6.60 9.96
CA CYS B 319 -21.49 7.40 10.11
C CYS B 319 -22.76 6.58 9.98
N GLN B 320 -22.64 5.38 9.45
CA GLN B 320 -23.75 4.52 9.06
C GLN B 320 -24.25 5.10 7.72
N VAL B 321 -24.87 6.29 7.73
CA VAL B 321 -25.37 6.91 6.50
C VAL B 321 -25.02 8.40 6.48
N CYS B 322 -24.45 8.87 5.37
CA CYS B 322 -23.98 10.27 5.29
C CYS B 322 -24.57 11.03 4.10
N PRO B 323 -25.41 12.02 4.37
CA PRO B 323 -26.02 12.75 3.25
C PRO B 323 -25.01 13.61 2.50
N VAL B 324 -25.22 13.71 1.19
CA VAL B 324 -24.40 14.52 0.31
C VAL B 324 -25.28 15.66 -0.23
N HIS B 325 -24.82 16.90 -0.10
CA HIS B 325 -25.58 18.06 -0.57
C HIS B 325 -24.92 18.85 -1.70
N ARG B 326 -23.64 18.60 -1.96
CA ARG B 326 -22.92 19.30 -3.02
C ARG B 326 -21.77 18.47 -3.61
N ILE B 327 -21.60 18.56 -4.94
CA ILE B 327 -20.50 17.95 -5.66
C ILE B 327 -19.82 18.96 -6.57
N LEU B 328 -18.54 19.22 -6.31
CA LEU B 328 -17.72 20.09 -7.15
C LEU B 328 -17.05 19.24 -8.24
N TYR B 329 -17.50 19.42 -9.47
CA TYR B 329 -17.07 18.64 -10.62
C TYR B 329 -16.78 19.59 -11.79
N LYS B 330 -15.58 19.52 -12.34
CA LYS B 330 -15.18 20.41 -13.44
C LYS B 330 -15.37 21.88 -13.05
N ASP B 331 -14.86 22.24 -11.87
CA ASP B 331 -14.95 23.61 -11.34
C ASP B 331 -16.39 24.16 -11.27
N ARG B 332 -17.37 23.25 -11.21
CA ARG B 332 -18.78 23.62 -11.21
C ARG B 332 -19.46 22.96 -10.00
N ASN B 333 -20.15 23.76 -9.20
CA ASN B 333 -20.84 23.22 -8.03
C ASN B 333 -22.20 22.72 -8.40
N LEU B 334 -22.42 21.43 -8.22
CA LEU B 334 -23.72 20.81 -8.45
C LEU B 334 -24.39 20.71 -7.09
N HIS B 335 -25.60 21.25 -6.98
CA HIS B 335 -26.36 21.11 -5.76
C HIS B 335 -27.08 19.75 -5.79
N ILE B 336 -27.04 19.03 -4.68
CA ILE B 336 -27.73 17.74 -4.60
C ILE B 336 -28.86 17.89 -3.58
N PRO B 337 -30.12 17.65 -4.00
CA PRO B 337 -31.29 17.97 -3.13
C PRO B 337 -31.61 16.97 -2.01
N THR B 338 -30.59 16.31 -1.47
CA THR B 338 -30.80 15.30 -0.44
C THR B 338 -31.60 15.77 0.78
N MET B 339 -31.15 16.84 1.43
CA MET B 339 -31.80 17.34 2.64
C MET B 339 -33.20 17.88 2.34
N GLU B 340 -33.41 18.41 1.14
CA GLU B 340 -34.72 18.86 0.74
C GLU B 340 -35.74 17.73 0.73
N ASN B 341 -35.27 16.51 0.46
CA ASN B 341 -36.14 15.36 0.35
C ASN B 341 -36.32 14.59 1.66
N GLY B 342 -36.05 15.28 2.77
CA GLY B 342 -36.24 14.71 4.11
C GLY B 342 -35.05 14.83 5.03
N PRO B 343 -34.00 14.03 4.83
CA PRO B 343 -33.89 13.06 3.76
C PRO B 343 -34.57 11.80 4.21
N GLU B 344 -35.68 11.46 3.57
CA GLU B 344 -36.58 10.43 4.07
C GLU B 344 -35.98 9.03 4.15
N LEU B 345 -35.36 8.57 3.06
CA LEU B 345 -34.76 7.26 3.05
C LEU B 345 -33.60 7.20 4.03
N ILE B 346 -32.74 8.21 4.00
CA ILE B 346 -31.62 8.28 4.94
C ILE B 346 -32.09 8.17 6.40
N LEU B 347 -33.10 8.95 6.77
CA LEU B 347 -33.62 8.89 8.15
C LEU B 347 -34.24 7.57 8.48
N ARG B 348 -34.91 6.95 7.53
CA ARG B 348 -35.52 5.65 7.77
C ARG B 348 -34.44 4.60 8.01
N PHE B 349 -33.41 4.60 7.18
CA PHE B 349 -32.28 3.68 7.38
C PHE B 349 -31.61 3.89 8.72
N GLN B 350 -31.36 5.14 9.07
CA GLN B 350 -30.68 5.44 10.34
C GLN B 350 -31.48 4.93 11.56
N LYS B 351 -32.77 5.15 11.53
CA LYS B 351 -33.64 4.72 12.62
C LYS B 351 -33.67 3.19 12.74
N GLU B 352 -33.80 2.47 11.63
CA GLU B 352 -33.83 0.99 11.70
C GLU B 352 -32.51 0.43 12.18
N LEU B 353 -31.40 0.97 11.65
CA LEU B 353 -30.09 0.54 12.08
C LEU B 353 -29.90 0.82 13.56
N LYS B 354 -30.23 2.02 14.00
CA LYS B 354 -30.12 2.37 15.42
C LYS B 354 -30.95 1.41 16.30
N GLU B 355 -32.18 1.14 15.89
CA GLU B 355 -33.04 0.24 16.66
C GLU B 355 -32.44 -1.18 16.76
N ILE B 356 -31.88 -1.66 15.65
CA ILE B 356 -31.24 -2.98 15.64
C ILE B 356 -29.96 -2.95 16.46
N GLN B 357 -29.12 -1.94 16.21
CA GLN B 357 -27.80 -1.87 16.87
C GLN B 357 -27.83 -1.76 18.39
N TYR B 358 -28.71 -0.91 18.93
CA TYR B 358 -28.84 -0.72 20.37
C TYR B 358 -29.90 -1.66 21.01
N GLY B 359 -30.30 -2.72 20.33
CA GLY B 359 -31.18 -3.74 20.92
C GLY B 359 -32.67 -3.44 21.10
N ILE B 360 -33.16 -2.34 20.51
CA ILE B 360 -34.57 -1.96 20.62
C ILE B 360 -35.44 -3.00 19.90
N ARG B 361 -34.89 -3.59 18.84
CA ARG B 361 -35.54 -4.69 18.11
C ARG B 361 -34.55 -5.81 18.07
N ALA B 362 -35.02 -7.02 18.34
CA ALA B 362 -34.18 -8.19 18.24
C ALA B 362 -33.83 -8.42 16.77
N HIS B 363 -32.65 -8.95 16.52
CA HIS B 363 -32.25 -9.18 15.14
C HIS B 363 -31.04 -10.08 15.11
N GLU B 364 -31.09 -11.06 14.21
CA GLU B 364 -29.99 -12.00 14.01
C GLU B 364 -28.67 -11.33 13.53
N TRP B 365 -28.73 -10.07 13.12
CA TRP B 365 -27.53 -9.35 12.72
C TRP B 365 -26.67 -9.05 13.91
N MET B 366 -27.25 -9.04 15.11
CA MET B 366 -26.49 -8.65 16.27
C MET B 366 -25.88 -9.86 16.96
N PHE B 367 -24.61 -9.69 17.36
CA PHE B 367 -23.84 -10.74 18.02
C PHE B 367 -23.54 -10.27 19.44
N PRO B 368 -24.11 -10.96 20.43
CA PRO B 368 -23.95 -10.50 21.82
C PRO B 368 -22.58 -10.84 22.38
N VAL B 369 -22.01 -9.92 23.15
CA VAL B 369 -20.74 -10.18 23.79
C VAL B 369 -21.03 -10.87 25.11
N1 PLP C . 10.75 -0.90 -10.90
C2 PLP C . 10.14 -0.95 -9.70
C2A PLP C . 8.68 -1.31 -9.66
C3 PLP C . 10.93 -0.67 -8.47
O3 PLP C . 10.36 -0.72 -7.23
C4 PLP C . 12.37 -0.33 -8.62
C4A PLP C . 13.16 -0.05 -7.38
C5 PLP C . 12.92 -0.31 -10.03
C6 PLP C . 12.07 -0.60 -11.08
C5A PLP C . 14.37 -0.04 -10.38
O4P PLP C . 14.87 1.17 -9.87
P PLP C . 16.47 1.42 -9.70
O1P PLP C . 17.01 1.27 -11.12
O2P PLP C . 16.44 2.82 -9.15
O3P PLP C . 16.90 0.33 -8.73
N1 67W D . 23.36 -9.12 -5.18
C4 67W D . 11.89 -3.50 -4.58
C5 67W D . 12.43 -4.36 -3.61
C6 67W D . 13.75 -4.78 -3.73
C7 67W D . 14.55 -4.37 -4.81
C8 67W D . 15.97 -4.83 -4.88
C10 67W D . 18.74 -6.02 -4.65
C13 67W D . 18.79 -8.80 -4.84
C15 67W D . 21.28 -8.81 -4.90
C17 67W D . 22.88 -10.36 -4.89
O2 67W D . 16.84 -4.00 -5.09
C3 67W D . 12.69 -3.08 -5.64
C2 67W D . 14.04 -3.50 -5.78
C1 67W D . 14.83 -3.03 -6.98
C 67W D . 15.26 -4.06 -8.03
O1 67W D . 16.19 -3.80 -8.80
O 67W D . 14.65 -5.16 -8.07
N 67W D . 16.23 -6.14 -4.67
C9 67W D . 17.53 -6.74 -4.67
C14 67W D . 17.57 -8.13 -4.77
C12 67W D . 19.99 -8.09 -4.82
C11 67W D . 19.97 -6.70 -4.72
N2 67W D . 22.42 -8.18 -5.20
C16 67W D . 21.52 -10.18 -4.70
CL CL E . 23.90 11.64 -10.84
C1 EDO F . 20.71 7.36 -34.41
O1 EDO F . 22.11 7.43 -34.72
C2 EDO F . 20.33 8.50 -33.49
O2 EDO F . 21.42 8.81 -32.62
C1 EDO G . 28.22 8.10 -18.65
O1 EDO G . 28.76 9.42 -18.60
C2 EDO G . 27.18 8.02 -19.76
O2 EDO G . 27.29 9.17 -20.61
C1 EDO H . 26.37 -2.73 -28.95
O1 EDO H . 26.57 -1.34 -29.00
C2 EDO H . 24.91 -3.00 -29.20
O2 EDO H . 24.72 -3.71 -30.42
C1 EDO I . 10.92 3.52 17.04
O1 EDO I . 11.71 2.59 17.77
C2 EDO I . 10.69 4.74 17.89
O2 EDO I . 11.86 5.53 17.83
C1 EDO J . 5.21 11.26 -22.06
O1 EDO J . 4.41 10.07 -22.08
C2 EDO J . 5.99 11.26 -20.76
O2 EDO J . 5.05 11.20 -19.68
N1 PLP K . -15.36 1.94 1.33
C2 PLP K . -14.03 1.90 1.64
C2A PLP K . -13.01 2.35 0.64
C3 PLP K . -13.61 1.44 3.00
O3 PLP K . -12.29 1.40 3.34
C4 PLP K . -14.64 1.02 3.98
C4A PLP K . -14.19 0.55 5.32
C5 PLP K . -16.07 1.13 3.51
C6 PLP K . -16.33 1.59 2.20
C5A PLP K . -17.26 0.79 4.39
O4P PLP K . -17.26 -0.52 4.87
P PLP K . -18.23 -0.90 6.12
O1P PLP K . -19.64 -0.54 5.66
O2P PLP K . -17.88 -2.36 6.22
O3P PLP K . -17.74 -0.03 7.27
N1 67W L . -18.22 8.41 15.86
C4 67W L . -11.18 3.17 6.59
C5 67W L . -10.64 3.74 7.75
C6 67W L . -11.50 4.11 8.76
C7 67W L . -12.89 3.95 8.66
C8 67W L . -13.75 4.37 9.81
C10 67W L . -15.14 5.38 12.26
C13 67W L . -14.99 8.15 12.59
C15 67W L . -16.64 8.08 14.47
C17 67W L . -17.50 9.54 15.92
O2 67W L . -14.59 3.57 10.24
C3 67W L . -12.56 3.01 6.47
C2 67W L . -13.45 3.39 7.49
C1 67W L . -14.94 3.21 7.27
C 67W L . -15.83 4.44 7.14
O1 67W L . -15.30 5.55 6.98
O 67W L . -17.03 4.28 7.22
N 67W L . -13.55 5.59 10.34
C9 67W L . -14.30 6.14 11.42
C14 67W L . -14.24 7.53 11.60
C12 67W L . -15.83 7.39 13.43
C11 67W L . -15.90 6.01 13.26
N2 67W L . -17.74 7.50 14.99
C16 67W L . -16.47 9.36 15.02
CL CL M . -24.67 -11.18 9.23
C1 EDO N . -41.74 -2.61 -6.36
O1 EDO N . -42.17 -2.62 -4.99
C2 EDO N . -40.27 -2.96 -6.46
O2 EDO N . -39.94 -4.04 -5.59
C1 EDO O . -33.98 -7.23 8.00
O1 EDO O . -33.84 -6.17 8.95
C2 EDO O . -33.62 -6.68 6.64
O2 EDO O . -32.99 -7.74 5.93
C1 EDO P . -38.82 6.19 2.56
O1 EDO P . -39.21 4.86 2.85
C2 EDO P . -38.44 6.20 1.10
O2 EDO P . -39.16 7.24 0.44
C1 EDO Q . 5.99 -9.44 19.05
O1 EDO Q . 4.84 -9.91 19.76
C2 EDO Q . 5.63 -8.11 18.46
O2 EDO Q . 5.62 -7.13 19.49
#